data_6B4K
#
_entry.id   6B4K
#
_cell.length_a   83.233
_cell.length_b   45.364
_cell.length_c   127.391
_cell.angle_alpha   90.00
_cell.angle_beta   97.03
_cell.angle_gamma   90.00
#
_symmetry.space_group_name_H-M   'P 1 21 1'
#
loop_
_entity.id
_entity.type
_entity.pdbx_description
1 polymer 'ATP-dependent RNA helicase DDX19B'
2 non-polymer 'MAGNESIUM ION'
3 non-polymer 'PHOSPHOAMINOPHOSPHONIC ACID-ADENYLATE ESTER'
4 non-polymer 'MALONATE ION'
5 water water
#
_entity_poly.entity_id   1
_entity_poly.type   'polypeptide(L)'
_entity_poly.pdbx_seq_one_letter_code
;GPHMEDRAAQSLLNKLIRSNLVDNTNQVEVLQRDPNSPLYSVKSFEELRLKPQLLQGVYAMGFNRPSKIQENALPLMLAE
PPQNLIAQSQSGTGKTAAFVLAMLSQVEPANKYPQCLCLSPTYELALQTGKVIEQMGKFYPELKLAYAVRGNKLERGQKI
SEQIVIGTPGTVLDWCSKLKFIDPKKIKVFVLDEADVMIATQGHQDQSIRIQRMLPRNCQMLLFSATFEDSVWKFAQKVV
PDPNVIKLKREEETLDTIKQYYVLCSSRDEKFQALCNLYGAITIAQAMIFCHTRKTASWLAAELSKEGHQVALLSGEMMV
EQRAAVIERFREGKEKVLVTTNVCARGIDVEQVSVVINFDLPVDKDGNPDNETYLHRIGRTGRFGKRGLAVNMVDSKHSM
NILNRIQEHFNKKIERLDTDDLDEIEKIAN
;
_entity_poly.pdbx_strand_id   A,B
#
# COMPACT_ATOMS: atom_id res chain seq x y z
N GLU A 5 -4.66 22.51 -1.32
CA GLU A 5 -4.17 21.78 -2.48
C GLU A 5 -4.00 20.32 -2.11
N ASP A 6 -4.40 19.42 -3.02
CA ASP A 6 -4.35 17.99 -2.79
C ASP A 6 -5.14 17.61 -1.53
N ARG A 7 -6.45 17.79 -1.64
CA ARG A 7 -7.33 17.35 -0.56
C ARG A 7 -7.31 15.84 -0.44
N ALA A 8 -7.04 15.12 -1.54
CA ALA A 8 -7.04 13.67 -1.51
C ALA A 8 -5.92 13.12 -0.64
N ALA A 9 -4.75 13.78 -0.66
CA ALA A 9 -3.63 13.34 0.16
C ALA A 9 -3.87 13.67 1.63
N GLN A 10 -4.38 14.86 1.91
CA GLN A 10 -4.77 15.19 3.27
C GLN A 10 -5.79 14.19 3.80
N SER A 11 -6.79 13.87 2.98
CA SER A 11 -7.82 12.93 3.40
C SER A 11 -7.23 11.55 3.64
N LEU A 12 -6.34 11.09 2.76
CA LEU A 12 -5.70 9.80 2.93
C LEU A 12 -4.91 9.76 4.23
N LEU A 13 -4.13 10.80 4.51
CA LEU A 13 -3.32 10.81 5.71
C LEU A 13 -4.19 10.72 6.97
N ASN A 14 -5.32 11.44 6.98
CA ASN A 14 -6.21 11.38 8.14
C ASN A 14 -6.78 9.98 8.33
N LYS A 15 -7.02 9.24 7.24
CA LYS A 15 -7.46 7.86 7.36
C LYS A 15 -6.40 7.00 8.04
N LEU A 16 -5.13 7.15 7.61
CA LEU A 16 -4.08 6.26 8.10
C LEU A 16 -3.84 6.43 9.60
N ILE A 17 -4.00 7.66 10.12
CA ILE A 17 -3.75 7.93 11.53
C ILE A 17 -5.02 7.92 12.37
N ARG A 18 -6.19 7.81 11.76
CA ARG A 18 -7.43 7.76 12.53
C ARG A 18 -7.52 6.44 13.27
N SER A 19 -7.69 6.51 14.60
CA SER A 19 -7.83 5.31 15.42
C SER A 19 -9.21 5.17 16.06
N ASN A 20 -9.99 6.26 16.16
CA ASN A 20 -11.30 6.19 16.78
C ASN A 20 -12.15 7.36 16.31
N LEU A 21 -13.43 7.32 16.67
CA LEU A 21 -14.35 8.40 16.33
C LEU A 21 -13.89 9.71 16.96
N VAL A 22 -14.16 10.81 16.26
CA VAL A 22 -13.95 12.13 16.83
C VAL A 22 -15.19 12.48 17.64
N ASP A 23 -14.98 13.02 18.84
CA ASP A 23 -16.09 13.34 19.71
C ASP A 23 -16.68 14.69 19.29
N ASN A 24 -17.99 14.69 19.03
CA ASN A 24 -18.72 15.89 18.65
C ASN A 24 -19.88 16.05 19.62
N THR A 25 -20.09 17.28 20.11
CA THR A 25 -21.16 17.57 21.05
C THR A 25 -22.38 18.20 20.39
N ASN A 26 -22.28 18.56 19.11
CA ASN A 26 -23.40 19.17 18.42
C ASN A 26 -24.48 18.14 18.12
N GLN A 27 -25.62 18.63 17.63
CA GLN A 27 -26.77 17.80 17.30
C GLN A 27 -26.87 17.61 15.80
N VAL A 28 -27.37 16.44 15.42
CA VAL A 28 -27.53 16.12 14.01
C VAL A 28 -28.78 16.84 13.49
N GLU A 29 -28.61 17.61 12.43
CA GLU A 29 -29.73 18.26 11.74
C GLU A 29 -30.21 17.32 10.64
N VAL A 30 -31.48 16.96 10.70
CA VAL A 30 -32.08 16.01 9.76
C VAL A 30 -33.16 16.74 8.97
N LEU A 31 -33.06 16.66 7.65
CA LEU A 31 -34.01 17.27 6.72
C LEU A 31 -34.54 16.13 5.85
N GLN A 32 -35.63 15.50 6.29
CA GLN A 32 -36.19 14.37 5.56
C GLN A 32 -36.97 14.86 4.34
N ARG A 33 -37.02 14.01 3.33
CA ARG A 33 -37.72 14.38 2.10
C ARG A 33 -39.21 14.62 2.37
N ASP A 34 -39.78 13.93 3.36
CA ASP A 34 -41.18 14.10 3.74
C ASP A 34 -41.20 14.76 5.11
N PRO A 35 -41.41 16.09 5.20
CA PRO A 35 -41.42 16.73 6.52
C PRO A 35 -42.52 16.23 7.44
N ASN A 36 -43.56 15.59 6.89
CA ASN A 36 -44.60 15.00 7.72
C ASN A 36 -44.12 13.69 8.35
N SER A 37 -43.25 12.97 7.66
CA SER A 37 -42.75 11.71 8.15
C SER A 37 -41.95 11.92 9.44
N PRO A 38 -42.00 10.98 10.38
CA PRO A 38 -41.33 11.18 11.66
C PRO A 38 -39.83 10.97 11.57
N LEU A 39 -39.14 11.40 12.63
N LEU A 39 -39.15 11.26 12.67
CA LEU A 39 -37.70 11.27 12.77
CA LEU A 39 -37.69 11.24 12.70
C LEU A 39 -37.42 10.05 13.63
C LEU A 39 -37.15 9.82 12.84
N TYR A 40 -36.83 9.03 13.03
N TYR A 40 -36.14 9.50 12.03
CA TYR A 40 -36.51 7.77 13.70
CA TYR A 40 -35.42 8.23 12.13
C TYR A 40 -34.99 7.70 13.85
C TYR A 40 -34.29 8.36 13.15
N SER A 41 -34.52 7.78 15.09
N SER A 41 -34.28 7.47 14.14
CA SER A 41 -33.11 7.67 15.41
CA SER A 41 -33.22 7.49 15.15
C SER A 41 -32.93 6.53 16.40
C SER A 41 -33.21 6.17 15.90
N VAL A 42 -32.00 5.63 16.11
CA VAL A 42 -31.76 4.46 16.93
C VAL A 42 -30.55 4.75 17.81
N LYS A 43 -30.42 3.98 18.89
CA LYS A 43 -29.31 4.15 19.83
C LYS A 43 -28.52 2.85 20.02
N SER A 44 -28.78 1.82 19.23
CA SER A 44 -28.07 0.55 19.35
C SER A 44 -28.17 -0.17 18.02
N PHE A 45 -27.21 -1.06 17.79
CA PHE A 45 -27.22 -1.85 16.56
C PHE A 45 -28.32 -2.90 16.57
N GLU A 46 -28.66 -3.47 17.74
CA GLU A 46 -29.74 -4.45 17.78
C GLU A 46 -31.05 -3.85 17.30
N GLU A 47 -31.26 -2.56 17.57
CA GLU A 47 -32.48 -1.89 17.14
C GLU A 47 -32.66 -1.92 15.63
N LEU A 48 -31.59 -2.16 14.88
CA LEU A 48 -31.60 -2.17 13.43
C LEU A 48 -31.85 -3.53 12.82
N ARG A 49 -31.86 -4.60 13.60
CA ARG A 49 -32.09 -5.95 13.10
C ARG A 49 -31.22 -6.25 11.87
N LEU A 50 -29.90 -6.12 12.06
CA LEU A 50 -28.99 -6.44 10.99
C LEU A 50 -28.90 -7.95 10.83
N LYS A 51 -28.45 -8.38 9.65
N LYS A 51 -28.47 -8.38 9.65
CA LYS A 51 -28.15 -9.79 9.46
CA LYS A 51 -28.16 -9.79 9.46
C LYS A 51 -27.17 -10.24 10.53
C LYS A 51 -27.18 -10.23 10.55
N PRO A 52 -27.38 -11.40 11.17
CA PRO A 52 -26.46 -11.82 12.25
C PRO A 52 -24.98 -11.78 11.85
N GLN A 53 -24.65 -12.21 10.63
CA GLN A 53 -23.25 -12.19 10.21
C GLN A 53 -22.75 -10.76 10.04
N LEU A 54 -23.64 -9.82 9.74
CA LEU A 54 -23.23 -8.42 9.64
C LEU A 54 -23.04 -7.80 11.03
N LEU A 55 -23.98 -8.04 11.94
CA LEU A 55 -23.80 -7.54 13.30
C LEU A 55 -22.54 -8.13 13.93
N GLN A 56 -22.25 -9.39 13.62
CA GLN A 56 -21.02 -10.02 14.07
C GLN A 56 -19.80 -9.25 13.60
N GLY A 57 -19.80 -8.85 12.33
CA GLY A 57 -18.69 -8.06 11.82
C GLY A 57 -18.59 -6.69 12.46
N VAL A 58 -19.74 -6.06 12.71
CA VAL A 58 -19.75 -4.76 13.36
C VAL A 58 -19.11 -4.86 14.74
N TYR A 59 -19.50 -5.87 15.52
CA TYR A 59 -18.98 -6.03 16.87
C TYR A 59 -17.52 -6.47 16.84
N ALA A 60 -17.14 -7.29 15.86
CA ALA A 60 -15.77 -7.74 15.76
C ALA A 60 -14.81 -6.59 15.44
N MET A 61 -15.30 -5.49 14.89
CA MET A 61 -14.47 -4.34 14.58
C MET A 61 -14.33 -3.39 15.76
N GLY A 62 -14.89 -3.73 16.92
CA GLY A 62 -14.76 -2.89 18.09
C GLY A 62 -15.87 -1.89 18.24
N PHE A 63 -16.82 -1.86 17.30
CA PHE A 63 -17.99 -1.00 17.43
C PHE A 63 -18.97 -1.68 18.38
N ASN A 64 -19.49 -0.92 19.33
CA ASN A 64 -20.55 -1.39 20.22
C ASN A 64 -21.81 -0.54 20.15
N ARG A 65 -21.71 0.70 19.68
CA ARG A 65 -22.81 1.63 19.65
C ARG A 65 -22.72 2.45 18.37
N PRO A 66 -23.84 2.80 17.76
CA PRO A 66 -23.78 3.68 16.58
C PRO A 66 -23.19 5.03 16.94
N SER A 67 -22.38 5.57 16.03
CA SER A 67 -21.89 6.93 16.21
C SER A 67 -23.03 7.92 16.09
N LYS A 68 -22.75 9.17 16.48
CA LYS A 68 -23.79 10.21 16.48
C LYS A 68 -24.48 10.29 15.12
N ILE A 69 -23.70 10.38 14.05
CA ILE A 69 -24.29 10.50 12.72
C ILE A 69 -24.98 9.20 12.32
N GLN A 70 -24.44 8.06 12.75
CA GLN A 70 -25.03 6.77 12.41
C GLN A 70 -26.38 6.57 13.07
N GLU A 71 -26.60 7.18 14.24
CA GLU A 71 -27.90 7.05 14.91
C GLU A 71 -29.04 7.47 14.01
N ASN A 72 -28.82 8.45 13.14
CA ASN A 72 -29.83 8.92 12.20
C ASN A 72 -29.65 8.34 10.80
N ALA A 73 -28.40 8.16 10.36
CA ALA A 73 -28.14 7.73 8.99
C ALA A 73 -28.48 6.25 8.80
N LEU A 74 -28.19 5.42 9.80
CA LEU A 74 -28.41 3.98 9.62
C LEU A 74 -29.89 3.64 9.49
N PRO A 75 -30.77 4.06 10.40
CA PRO A 75 -32.19 3.74 10.21
C PRO A 75 -32.75 4.34 8.93
N LEU A 76 -32.25 5.50 8.52
CA LEU A 76 -32.74 6.12 7.30
C LEU A 76 -32.31 5.33 6.07
N MET A 77 -31.08 4.79 6.09
CA MET A 77 -30.56 4.05 4.95
C MET A 77 -31.13 2.63 4.87
N LEU A 78 -31.59 2.07 5.98
CA LEU A 78 -32.15 0.74 6.00
C LEU A 78 -33.67 0.71 5.84
N ALA A 79 -34.31 1.88 5.83
CA ALA A 79 -35.75 1.97 5.70
C ALA A 79 -36.23 1.48 4.34
N GLU A 80 -37.47 0.99 4.31
CA GLU A 80 -38.12 0.58 3.07
C GLU A 80 -39.30 1.49 2.78
N PRO A 81 -39.48 1.96 1.53
CA PRO A 81 -38.61 1.75 0.36
C PRO A 81 -37.30 2.52 0.50
N PRO A 82 -36.29 2.16 -0.28
CA PRO A 82 -34.96 2.75 -0.09
C PRO A 82 -35.02 4.28 -0.14
N GLN A 83 -34.31 4.91 0.78
CA GLN A 83 -34.22 6.36 0.87
C GLN A 83 -32.85 6.82 0.40
N ASN A 84 -32.83 7.87 -0.41
CA ASN A 84 -31.59 8.48 -0.82
C ASN A 84 -31.12 9.47 0.25
N LEU A 85 -29.81 9.73 0.25
CA LEU A 85 -29.22 10.49 1.34
C LEU A 85 -28.03 11.33 0.86
N ILE A 86 -28.00 12.56 1.34
CA ILE A 86 -26.82 13.42 1.29
C ILE A 86 -26.45 13.72 2.74
N ALA A 87 -25.26 13.28 3.16
CA ALA A 87 -24.83 13.40 4.54
C ALA A 87 -23.55 14.22 4.62
N GLN A 88 -23.51 15.13 5.57
CA GLN A 88 -22.36 16.01 5.78
C GLN A 88 -22.00 15.97 7.25
N SER A 89 -20.75 15.59 7.53
CA SER A 89 -20.19 15.64 8.88
C SER A 89 -18.68 15.50 8.78
N GLN A 90 -17.99 16.10 9.74
CA GLN A 90 -16.54 16.18 9.69
C GLN A 90 -15.91 14.79 9.63
N SER A 91 -14.64 14.77 9.24
CA SER A 91 -13.88 13.54 9.16
C SER A 91 -13.79 12.89 10.54
N GLY A 92 -13.96 11.57 10.57
CA GLY A 92 -13.89 10.83 11.81
C GLY A 92 -15.21 10.64 12.53
N THR A 93 -16.34 10.89 11.86
CA THR A 93 -17.66 10.77 12.49
C THR A 93 -18.38 9.47 12.14
N GLY A 94 -17.79 8.63 11.28
CA GLY A 94 -18.37 7.34 10.95
C GLY A 94 -19.17 7.28 9.67
N LYS A 95 -19.00 8.23 8.76
CA LYS A 95 -19.75 8.20 7.51
C LYS A 95 -19.46 6.94 6.71
N THR A 96 -18.18 6.55 6.63
CA THR A 96 -17.81 5.41 5.80
C THR A 96 -18.35 4.10 6.38
N ALA A 97 -18.16 3.88 7.68
CA ALA A 97 -18.73 2.70 8.31
C ALA A 97 -20.24 2.64 8.09
N ALA A 98 -20.90 3.79 8.05
CA ALA A 98 -22.35 3.81 7.88
C ALA A 98 -22.75 3.23 6.52
N PHE A 99 -22.15 3.73 5.43
CA PHE A 99 -22.60 3.24 4.13
C PHE A 99 -22.03 1.86 3.79
N VAL A 100 -20.90 1.48 4.38
CA VAL A 100 -20.45 0.09 4.23
C VAL A 100 -21.49 -0.85 4.83
N LEU A 101 -21.99 -0.51 6.02
CA LEU A 101 -23.04 -1.32 6.64
C LEU A 101 -24.29 -1.35 5.76
N ALA A 102 -24.67 -0.21 5.18
CA ALA A 102 -25.81 -0.20 4.28
C ALA A 102 -25.58 -1.09 3.07
N MET A 103 -24.38 -1.02 2.48
CA MET A 103 -24.07 -1.88 1.32
C MET A 103 -24.15 -3.35 1.70
N LEU A 104 -23.57 -3.72 2.84
CA LEU A 104 -23.57 -5.11 3.25
C LEU A 104 -24.97 -5.61 3.62
N SER A 105 -25.88 -4.70 3.97
CA SER A 105 -27.26 -5.11 4.27
C SER A 105 -28.01 -5.50 3.00
N GLN A 106 -27.73 -4.82 1.88
CA GLN A 106 -28.49 -5.04 0.65
C GLN A 106 -27.87 -6.07 -0.27
N VAL A 107 -26.60 -6.42 -0.07
CA VAL A 107 -25.93 -7.38 -0.95
C VAL A 107 -26.43 -8.78 -0.64
N GLU A 108 -26.65 -9.56 -1.69
CA GLU A 108 -26.94 -10.98 -1.59
C GLU A 108 -25.74 -11.74 -2.17
N PRO A 109 -24.84 -12.26 -1.34
CA PRO A 109 -23.60 -12.85 -1.89
C PRO A 109 -23.83 -14.03 -2.83
N ALA A 110 -25.04 -14.60 -2.85
CA ALA A 110 -25.31 -15.70 -3.77
C ALA A 110 -25.34 -15.22 -5.22
N ASN A 111 -25.79 -14.00 -5.45
CA ASN A 111 -25.84 -13.42 -6.79
C ASN A 111 -24.44 -12.90 -7.14
N LYS A 112 -23.78 -13.58 -8.08
CA LYS A 112 -22.36 -13.33 -8.35
C LYS A 112 -22.20 -12.26 -9.43
N TYR A 113 -22.61 -11.04 -9.06
CA TYR A 113 -22.42 -9.89 -9.92
C TYR A 113 -22.47 -8.64 -9.06
N PRO A 114 -21.95 -7.52 -9.56
CA PRO A 114 -21.95 -6.29 -8.76
C PRO A 114 -23.36 -5.84 -8.39
N GLN A 115 -23.56 -5.60 -7.09
CA GLN A 115 -24.81 -5.08 -6.56
C GLN A 115 -24.64 -3.76 -5.83
N CYS A 116 -23.42 -3.43 -5.40
CA CYS A 116 -23.14 -2.19 -4.70
C CYS A 116 -21.93 -1.53 -5.35
N LEU A 117 -22.03 -0.22 -5.57
CA LEU A 117 -21.01 0.53 -6.29
C LEU A 117 -20.64 1.77 -5.47
N CYS A 118 -19.35 1.92 -5.17
CA CYS A 118 -18.84 3.05 -4.42
C CYS A 118 -17.79 3.78 -5.24
N LEU A 119 -17.91 5.10 -5.32
CA LEU A 119 -16.94 5.95 -5.99
C LEU A 119 -16.05 6.61 -4.97
N SER A 120 -14.73 6.49 -5.17
CA SER A 120 -13.73 7.15 -4.34
C SER A 120 -12.91 8.10 -5.21
N PRO A 121 -12.42 9.21 -4.64
CA PRO A 121 -11.62 10.14 -5.46
C PRO A 121 -10.32 9.55 -5.98
N THR A 122 -9.72 8.61 -5.26
CA THR A 122 -8.44 8.03 -5.66
C THR A 122 -8.42 6.54 -5.32
N TYR A 123 -7.47 5.84 -5.93
CA TYR A 123 -7.26 4.42 -5.63
C TYR A 123 -6.89 4.22 -4.16
N GLU A 124 -6.00 5.05 -3.63
CA GLU A 124 -5.58 4.88 -2.25
C GLU A 124 -6.76 5.04 -1.30
N LEU A 125 -7.64 6.00 -1.56
CA LEU A 125 -8.82 6.16 -0.73
C LEU A 125 -9.79 5.00 -0.92
N ALA A 126 -9.88 4.47 -2.15
CA ALA A 126 -10.72 3.30 -2.37
C ALA A 126 -10.24 2.11 -1.55
N LEU A 127 -8.90 1.95 -1.45
CA LEU A 127 -8.33 0.85 -0.67
C LEU A 127 -8.69 0.99 0.80
N GLN A 128 -8.70 2.22 1.32
CA GLN A 128 -9.07 2.43 2.71
C GLN A 128 -10.52 2.04 2.96
N THR A 129 -11.40 2.39 2.03
CA THR A 129 -12.80 1.97 2.15
C THR A 129 -12.93 0.47 2.01
N GLY A 130 -12.18 -0.12 1.06
CA GLY A 130 -12.23 -1.56 0.88
C GLY A 130 -11.81 -2.32 2.12
N LYS A 131 -10.86 -1.76 2.88
CA LYS A 131 -10.45 -2.40 4.12
C LYS A 131 -11.60 -2.45 5.11
N VAL A 132 -12.41 -1.40 5.18
CA VAL A 132 -13.55 -1.40 6.08
C VAL A 132 -14.58 -2.44 5.63
N ILE A 133 -14.79 -2.56 4.32
CA ILE A 133 -15.69 -3.57 3.78
C ILE A 133 -15.19 -4.97 4.11
N GLU A 134 -13.89 -5.21 3.92
CA GLU A 134 -13.34 -6.53 4.19
C GLU A 134 -13.51 -6.90 5.66
N GLN A 135 -13.29 -5.93 6.56
CA GLN A 135 -13.43 -6.19 7.99
C GLN A 135 -14.88 -6.44 8.37
N MET A 136 -15.77 -5.48 8.05
CA MET A 136 -17.15 -5.58 8.50
C MET A 136 -17.87 -6.76 7.88
N GLY A 137 -17.48 -7.17 6.69
CA GLY A 137 -18.13 -8.26 5.98
C GLY A 137 -17.33 -9.55 5.99
N LYS A 138 -16.39 -9.68 6.94
CA LYS A 138 -15.50 -10.84 6.95
C LYS A 138 -16.21 -12.14 7.29
N PHE A 139 -17.43 -12.08 7.83
CA PHE A 139 -18.22 -13.28 8.09
C PHE A 139 -19.19 -13.58 6.97
N TYR A 140 -19.10 -12.86 5.85
CA TYR A 140 -19.71 -13.25 4.58
C TYR A 140 -18.70 -14.09 3.83
N PRO A 141 -18.81 -15.43 3.84
CA PRO A 141 -17.73 -16.24 3.23
C PRO A 141 -17.52 -15.99 1.75
N GLU A 142 -18.59 -15.90 0.96
CA GLU A 142 -18.47 -15.79 -0.49
C GLU A 142 -18.36 -14.35 -0.99
N LEU A 143 -18.31 -13.37 -0.10
CA LEU A 143 -18.34 -11.97 -0.52
C LEU A 143 -16.97 -11.53 -1.04
N LYS A 144 -16.95 -11.01 -2.26
CA LYS A 144 -15.72 -10.58 -2.92
C LYS A 144 -15.85 -9.14 -3.37
N LEU A 145 -14.69 -8.49 -3.47
CA LEU A 145 -14.60 -7.08 -3.73
C LEU A 145 -13.72 -6.85 -4.95
N ALA A 146 -14.16 -5.97 -5.85
CA ALA A 146 -13.43 -5.60 -7.06
C ALA A 146 -13.07 -4.14 -7.01
N TYR A 147 -11.86 -3.81 -7.47
CA TYR A 147 -11.36 -2.44 -7.52
C TYR A 147 -11.36 -1.98 -8.97
N ALA A 148 -12.27 -1.06 -9.30
CA ALA A 148 -12.39 -0.51 -10.65
C ALA A 148 -11.54 0.77 -10.71
N VAL A 149 -10.23 0.56 -10.91
CA VAL A 149 -9.25 1.63 -10.90
C VAL A 149 -8.32 1.46 -12.10
N ARG A 150 -7.56 2.51 -12.38
CA ARG A 150 -6.71 2.53 -13.58
C ARG A 150 -5.73 1.36 -13.58
N GLY A 151 -5.19 1.00 -12.41
CA GLY A 151 -4.18 -0.03 -12.34
C GLY A 151 -4.68 -1.43 -12.61
N ASN A 152 -5.98 -1.62 -12.76
CA ASN A 152 -6.54 -2.96 -12.90
C ASN A 152 -6.33 -3.46 -14.32
N LYS A 153 -5.63 -4.59 -14.45
CA LYS A 153 -5.45 -5.25 -15.73
C LYS A 153 -6.61 -6.22 -15.92
N LEU A 154 -7.55 -5.85 -16.79
CA LEU A 154 -8.73 -6.66 -17.04
C LEU A 154 -8.89 -6.79 -18.55
N GLU A 155 -8.85 -8.02 -19.05
CA GLU A 155 -9.06 -8.30 -20.45
C GLU A 155 -10.55 -8.38 -20.78
N ARG A 156 -10.91 -7.89 -21.96
CA ARG A 156 -12.31 -7.83 -22.37
C ARG A 156 -12.93 -9.22 -22.40
N GLY A 157 -14.26 -9.23 -22.44
CA GLY A 157 -15.04 -10.44 -22.43
C GLY A 157 -15.34 -10.99 -21.05
N GLN A 158 -14.48 -10.72 -20.07
CA GLN A 158 -14.77 -11.12 -18.70
C GLN A 158 -15.97 -10.35 -18.17
N LYS A 159 -16.72 -10.99 -17.28
CA LYS A 159 -17.80 -10.36 -16.54
C LYS A 159 -17.50 -10.56 -15.07
N ILE A 160 -17.35 -9.45 -14.33
CA ILE A 160 -16.85 -9.57 -12.96
C ILE A 160 -17.94 -10.16 -12.07
N SER A 161 -17.53 -11.06 -11.19
CA SER A 161 -18.45 -11.77 -10.30
C SER A 161 -18.45 -11.21 -8.89
N GLU A 162 -17.57 -10.25 -8.60
CA GLU A 162 -17.55 -9.63 -7.28
C GLU A 162 -18.87 -8.87 -7.05
N GLN A 163 -19.39 -8.97 -5.83
CA GLN A 163 -20.68 -8.37 -5.51
C GLN A 163 -20.56 -6.89 -5.15
N ILE A 164 -19.37 -6.42 -4.78
CA ILE A 164 -19.13 -5.02 -4.44
C ILE A 164 -18.00 -4.50 -5.31
N VAL A 165 -18.17 -3.27 -5.79
CA VAL A 165 -17.17 -2.60 -6.63
C VAL A 165 -16.85 -1.25 -6.01
N ILE A 166 -15.57 -0.97 -5.81
CA ILE A 166 -15.07 0.35 -5.42
C ILE A 166 -14.13 0.80 -6.52
N GLY A 167 -14.22 2.07 -6.89
CA GLY A 167 -13.36 2.52 -7.96
C GLY A 167 -13.42 4.03 -8.09
N THR A 168 -12.64 4.52 -9.02
CA THR A 168 -12.59 5.92 -9.37
C THR A 168 -13.49 6.18 -10.57
N PRO A 169 -13.99 7.41 -10.73
CA PRO A 169 -15.07 7.63 -11.70
C PRO A 169 -14.72 7.23 -13.12
N GLY A 170 -13.52 7.57 -13.59
CA GLY A 170 -13.17 7.27 -14.98
C GLY A 170 -13.27 5.79 -15.31
N THR A 171 -12.66 4.95 -14.47
CA THR A 171 -12.65 3.52 -14.73
C THR A 171 -14.04 2.91 -14.52
N VAL A 172 -14.75 3.34 -13.48
CA VAL A 172 -16.09 2.81 -13.22
C VAL A 172 -17.01 3.10 -14.40
N LEU A 173 -16.91 4.31 -14.96
CA LEU A 173 -17.71 4.64 -16.13
C LEU A 173 -17.40 3.71 -17.29
N ASP A 174 -16.12 3.45 -17.53
CA ASP A 174 -15.74 2.50 -18.57
C ASP A 174 -16.33 1.12 -18.28
N TRP A 175 -16.24 0.66 -17.03
CA TRP A 175 -16.74 -0.67 -16.70
C TRP A 175 -18.24 -0.78 -16.89
N CYS A 176 -18.97 0.29 -16.60
CA CYS A 176 -20.43 0.26 -16.66
C CYS A 176 -20.96 0.38 -18.08
N SER A 177 -20.20 0.98 -18.99
CA SER A 177 -20.68 1.24 -20.33
C SER A 177 -19.83 0.58 -21.39
N LYS A 178 -18.68 1.19 -21.70
CA LYS A 178 -17.91 0.80 -22.87
C LYS A 178 -17.45 -0.65 -22.79
N LEU A 179 -16.84 -1.04 -21.67
CA LEU A 179 -16.20 -2.34 -21.56
C LEU A 179 -17.13 -3.45 -21.08
N LYS A 180 -18.37 -3.11 -20.71
CA LYS A 180 -19.40 -4.12 -20.39
C LYS A 180 -18.96 -5.05 -19.26
N PHE A 181 -18.22 -4.52 -18.29
CA PHE A 181 -17.81 -5.30 -17.14
C PHE A 181 -18.86 -5.28 -16.02
N ILE A 182 -19.65 -4.21 -15.93
CA ILE A 182 -20.73 -4.10 -14.96
C ILE A 182 -22.03 -3.80 -15.69
N ASP A 183 -23.09 -4.51 -15.31
CA ASP A 183 -24.45 -4.15 -15.72
C ASP A 183 -25.00 -3.16 -14.70
N PRO A 184 -25.07 -1.87 -15.02
CA PRO A 184 -25.50 -0.89 -14.01
C PRO A 184 -26.94 -1.07 -13.54
N LYS A 185 -27.80 -1.70 -14.34
CA LYS A 185 -29.20 -1.88 -13.94
C LYS A 185 -29.37 -2.88 -12.82
N LYS A 186 -28.32 -3.62 -12.45
CA LYS A 186 -28.37 -4.54 -11.32
C LYS A 186 -27.83 -3.93 -10.03
N ILE A 187 -27.41 -2.68 -10.06
CA ILE A 187 -26.83 -2.02 -8.89
C ILE A 187 -27.95 -1.61 -7.95
N LYS A 188 -27.86 -2.06 -6.70
CA LYS A 188 -28.85 -1.75 -5.68
C LYS A 188 -28.44 -0.61 -4.76
N VAL A 189 -27.14 -0.38 -4.57
CA VAL A 189 -26.67 0.68 -3.69
C VAL A 189 -25.52 1.41 -4.38
N PHE A 190 -25.61 2.73 -4.44
CA PHE A 190 -24.60 3.56 -5.09
C PHE A 190 -24.12 4.60 -4.08
N VAL A 191 -22.81 4.63 -3.85
CA VAL A 191 -22.21 5.56 -2.90
C VAL A 191 -21.22 6.45 -3.64
N LEU A 192 -21.28 7.74 -3.40
CA LEU A 192 -20.22 8.66 -3.79
C LEU A 192 -19.62 9.19 -2.49
N ASP A 193 -18.41 8.71 -2.18
CA ASP A 193 -17.73 9.05 -0.94
C ASP A 193 -16.84 10.25 -1.15
N GLU A 194 -16.71 11.06 -0.09
CA GLU A 194 -15.80 12.20 -0.06
C GLU A 194 -16.04 13.16 -1.22
N ALA A 195 -17.30 13.60 -1.32
CA ALA A 195 -17.69 14.52 -2.39
C ALA A 195 -16.86 15.80 -2.36
N ASP A 196 -16.47 16.26 -1.17
CA ASP A 196 -15.63 17.45 -1.07
C ASP A 196 -14.28 17.23 -1.75
N VAL A 197 -13.75 16.02 -1.70
CA VAL A 197 -12.51 15.71 -2.41
C VAL A 197 -12.79 15.46 -3.90
N MET A 198 -13.90 14.78 -4.18
CA MET A 198 -14.19 14.39 -5.55
C MET A 198 -14.28 15.58 -6.49
N ILE A 199 -14.88 16.68 -6.02
CA ILE A 199 -15.07 17.86 -6.88
C ILE A 199 -13.76 18.59 -7.18
N ALA A 200 -12.70 18.30 -6.43
CA ALA A 200 -11.42 18.96 -6.69
C ALA A 200 -10.94 18.71 -8.11
N THR A 201 -11.41 17.65 -8.76
CA THR A 201 -11.04 17.32 -10.12
C THR A 201 -12.22 17.61 -11.05
N GLN A 202 -11.94 18.31 -12.14
CA GLN A 202 -12.99 18.68 -13.09
C GLN A 202 -13.71 17.46 -13.65
N GLY A 203 -12.95 16.48 -14.15
CA GLY A 203 -13.55 15.32 -14.77
C GLY A 203 -14.43 14.51 -13.84
N HIS A 204 -14.08 14.46 -12.56
CA HIS A 204 -14.79 13.60 -11.60
C HIS A 204 -16.28 13.94 -11.52
N GLN A 205 -16.63 15.24 -11.50
CA GLN A 205 -18.03 15.61 -11.39
C GLN A 205 -18.83 15.05 -12.54
N ASP A 206 -18.38 15.29 -13.78
CA ASP A 206 -19.12 14.83 -14.95
C ASP A 206 -19.20 13.31 -14.98
N GLN A 207 -18.08 12.63 -14.70
CA GLN A 207 -18.06 11.18 -14.72
C GLN A 207 -18.99 10.60 -13.67
N SER A 208 -18.99 11.18 -12.47
CA SER A 208 -19.84 10.67 -11.39
C SER A 208 -21.31 10.80 -11.76
N ILE A 209 -21.70 11.93 -12.35
CA ILE A 209 -23.09 12.12 -12.76
C ILE A 209 -23.45 11.13 -13.85
N ARG A 210 -22.58 10.97 -14.85
CA ARG A 210 -22.87 10.03 -15.93
C ARG A 210 -23.08 8.62 -15.39
N ILE A 211 -22.25 8.20 -14.43
CA ILE A 211 -22.44 6.89 -13.81
C ILE A 211 -23.81 6.82 -13.16
N GLN A 212 -24.15 7.84 -12.37
CA GLN A 212 -25.40 7.83 -11.64
C GLN A 212 -26.60 7.73 -12.58
N ARG A 213 -26.54 8.42 -13.73
CA ARG A 213 -27.65 8.41 -14.68
C ARG A 213 -27.87 7.02 -15.30
N MET A 214 -26.86 6.15 -15.25
CA MET A 214 -27.04 4.80 -15.78
C MET A 214 -27.71 3.86 -14.79
N LEU A 215 -27.82 4.25 -13.53
CA LEU A 215 -28.37 3.36 -12.53
C LEU A 215 -29.88 3.31 -12.65
N PRO A 216 -30.51 2.25 -12.14
CA PRO A 216 -31.97 2.20 -12.17
C PRO A 216 -32.55 3.08 -11.09
N ARG A 217 -33.84 3.39 -11.26
CA ARG A 217 -34.51 4.31 -10.34
C ARG A 217 -34.64 3.71 -8.95
N ASN A 218 -34.79 2.38 -8.86
CA ASN A 218 -34.91 1.75 -7.55
C ASN A 218 -33.57 1.60 -6.82
N CYS A 219 -32.47 2.06 -7.41
CA CYS A 219 -31.17 2.02 -6.75
C CYS A 219 -31.09 3.08 -5.65
N GLN A 220 -30.59 2.67 -4.49
CA GLN A 220 -30.39 3.63 -3.41
C GLN A 220 -29.16 4.50 -3.70
N MET A 221 -29.30 5.81 -3.52
CA MET A 221 -28.27 6.81 -3.85
C MET A 221 -27.80 7.47 -2.56
N LEU A 222 -26.50 7.37 -2.28
CA LEU A 222 -25.91 7.89 -1.04
C LEU A 222 -24.69 8.74 -1.36
N LEU A 223 -24.59 9.90 -0.72
CA LEU A 223 -23.47 10.80 -0.92
C LEU A 223 -23.02 11.34 0.43
N PHE A 224 -21.71 11.40 0.61
CA PHE A 224 -21.12 11.81 1.87
C PHE A 224 -20.02 12.82 1.61
N SER A 225 -19.91 13.80 2.51
CA SER A 225 -18.93 14.86 2.39
C SER A 225 -18.49 15.25 3.79
N ALA A 226 -17.22 15.66 3.91
CA ALA A 226 -16.70 16.16 5.16
C ALA A 226 -17.08 17.61 5.41
N THR A 227 -17.35 18.39 4.36
CA THR A 227 -17.62 19.81 4.46
C THR A 227 -18.97 20.13 3.82
N PHE A 228 -19.46 21.34 4.10
CA PHE A 228 -20.75 21.80 3.64
C PHE A 228 -20.62 22.93 2.64
N GLU A 229 -19.48 23.00 1.95
CA GLU A 229 -19.24 24.04 0.96
C GLU A 229 -20.34 24.05 -0.10
N ASP A 230 -20.67 25.25 -0.58
CA ASP A 230 -21.80 25.41 -1.50
C ASP A 230 -21.57 24.63 -2.79
N SER A 231 -20.33 24.62 -3.28
CA SER A 231 -20.02 23.88 -4.51
C SER A 231 -20.30 22.39 -4.35
N VAL A 232 -19.96 21.84 -3.18
CA VAL A 232 -20.25 20.43 -2.92
C VAL A 232 -21.75 20.21 -2.85
N TRP A 233 -22.48 21.14 -2.22
CA TRP A 233 -23.93 21.00 -2.08
C TRP A 233 -24.60 21.03 -3.44
N LYS A 234 -24.18 21.94 -4.32
CA LYS A 234 -24.77 22.02 -5.65
C LYS A 234 -24.45 20.77 -6.46
N PHE A 235 -23.22 20.25 -6.34
CA PHE A 235 -22.87 19.00 -6.98
C PHE A 235 -23.71 17.85 -6.44
N ALA A 236 -23.90 17.79 -5.12
CA ALA A 236 -24.65 16.70 -4.51
C ALA A 236 -26.10 16.68 -4.99
N GLN A 237 -26.69 17.86 -5.21
CA GLN A 237 -28.07 17.91 -5.68
C GLN A 237 -28.21 17.29 -7.07
N LYS A 238 -27.17 17.39 -7.90
CA LYS A 238 -27.17 16.80 -9.22
C LYS A 238 -26.97 15.29 -9.18
N VAL A 239 -26.39 14.77 -8.10
CA VAL A 239 -26.06 13.35 -8.00
C VAL A 239 -27.18 12.56 -7.33
N VAL A 240 -27.77 13.12 -6.28
CA VAL A 240 -28.71 12.38 -5.42
C VAL A 240 -30.12 12.92 -5.64
N PRO A 241 -30.98 12.22 -6.39
CA PRO A 241 -32.37 12.70 -6.54
C PRO A 241 -33.19 12.44 -5.30
N ASP A 242 -34.12 13.36 -5.04
CA ASP A 242 -35.10 13.23 -3.96
C ASP A 242 -34.42 12.91 -2.61
N PRO A 243 -33.45 13.72 -2.20
CA PRO A 243 -32.60 13.33 -1.07
C PRO A 243 -33.14 13.74 0.31
N ASN A 244 -32.94 12.84 1.27
CA ASN A 244 -32.87 13.24 2.67
C ASN A 244 -31.49 13.85 2.92
N VAL A 245 -31.41 14.78 3.85
CA VAL A 245 -30.17 15.49 4.13
C VAL A 245 -29.89 15.39 5.62
N ILE A 246 -28.67 14.99 5.97
CA ILE A 246 -28.20 14.91 7.35
C ILE A 246 -26.97 15.80 7.46
N LYS A 247 -26.94 16.62 8.52
CA LYS A 247 -25.83 17.54 8.76
C LYS A 247 -25.42 17.46 10.23
N LEU A 248 -24.12 17.47 10.46
CA LEU A 248 -23.56 17.57 11.81
C LEU A 248 -22.49 18.66 11.79
N LYS A 249 -22.79 19.80 12.41
CA LYS A 249 -21.86 20.92 12.43
C LYS A 249 -20.53 20.51 13.04
N ARG A 250 -19.44 21.05 12.49
CA ARG A 250 -18.12 20.73 12.99
C ARG A 250 -17.97 21.21 14.43
N GLU A 251 -17.22 20.45 15.23
CA GLU A 251 -16.99 20.81 16.62
C GLU A 251 -16.16 22.09 16.69
N GLU A 252 -16.68 23.10 17.39
CA GLU A 252 -16.01 24.39 17.47
C GLU A 252 -14.76 24.30 18.35
N GLU A 253 -13.78 25.15 18.05
CA GLU A 253 -12.53 25.24 18.79
C GLU A 253 -12.50 26.55 19.57
N THR A 254 -12.51 26.45 20.90
CA THR A 254 -12.82 27.58 21.77
C THR A 254 -11.66 28.57 21.88
N LEU A 255 -10.45 28.09 22.11
CA LEU A 255 -9.22 28.88 22.31
C LEU A 255 -9.14 29.51 23.70
N ASP A 256 -10.13 29.33 24.58
CA ASP A 256 -10.16 30.06 25.85
C ASP A 256 -9.29 29.44 26.93
N THR A 257 -8.85 28.17 26.78
CA THR A 257 -8.10 27.48 27.83
C THR A 257 -6.62 27.38 27.49
N ILE A 258 -6.09 28.32 26.71
CA ILE A 258 -4.73 28.27 26.21
C ILE A 258 -4.04 29.59 26.48
N LYS A 259 -2.83 29.53 27.01
CA LYS A 259 -2.00 30.72 27.23
C LYS A 259 -1.22 31.02 25.96
N GLN A 260 -1.41 32.22 25.42
CA GLN A 260 -0.77 32.66 24.19
C GLN A 260 0.37 33.61 24.50
N TYR A 261 1.50 33.40 23.83
CA TYR A 261 2.66 34.27 23.99
C TYR A 261 3.33 34.51 22.65
N TYR A 262 4.12 35.57 22.62
CA TYR A 262 4.93 35.88 21.45
C TYR A 262 6.30 36.38 21.90
N VAL A 263 7.31 36.06 21.12
CA VAL A 263 8.69 36.40 21.42
C VAL A 263 9.21 37.25 20.28
N LEU A 264 9.65 38.47 20.59
CA LEU A 264 10.33 39.29 19.61
C LEU A 264 11.75 38.76 19.43
N CYS A 265 12.18 38.65 18.18
CA CYS A 265 13.48 38.12 17.84
C CYS A 265 14.18 39.04 16.84
N SER A 266 15.51 39.03 16.90
CA SER A 266 16.31 39.85 16.01
C SER A 266 16.51 39.18 14.66
N SER A 267 16.63 37.85 14.65
CA SER A 267 16.87 37.11 13.43
C SER A 267 16.43 35.67 13.63
N ARG A 268 16.62 34.86 12.59
CA ARG A 268 16.29 33.44 12.68
C ARG A 268 17.11 32.75 13.76
N ASP A 269 18.42 32.99 13.78
CA ASP A 269 19.26 32.35 14.80
C ASP A 269 18.82 32.74 16.20
N GLU A 270 18.18 33.92 16.35
CA GLU A 270 17.60 34.27 17.64
C GLU A 270 16.40 33.39 17.96
N LYS A 271 15.57 33.08 16.95
CA LYS A 271 14.41 32.23 17.19
C LYS A 271 14.85 30.84 17.65
N PHE A 272 15.96 30.33 17.10
CA PHE A 272 16.44 29.02 17.52
C PHE A 272 16.92 29.06 18.97
N GLN A 273 17.68 30.10 19.34
CA GLN A 273 18.14 30.21 20.71
C GLN A 273 16.98 30.46 21.66
N ALA A 274 16.05 31.34 21.28
CA ALA A 274 14.87 31.56 22.10
C ALA A 274 14.08 30.28 22.28
N LEU A 275 14.06 29.42 21.26
CA LEU A 275 13.37 28.14 21.37
C LEU A 275 14.10 27.20 22.33
N CYS A 276 15.43 27.29 22.40
CA CYS A 276 16.18 26.40 23.27
C CYS A 276 15.81 26.62 24.73
N ASN A 277 15.77 27.88 25.18
CA ASN A 277 15.42 28.17 26.56
C ASN A 277 14.01 27.66 26.89
N LEU A 278 13.09 27.76 25.93
CA LEU A 278 11.73 27.26 26.15
C LEU A 278 11.70 25.75 26.29
N TYR A 279 12.49 25.04 25.48
CA TYR A 279 12.43 23.58 25.43
C TYR A 279 12.54 22.97 26.82
N GLY A 280 13.30 23.59 27.72
CA GLY A 280 13.44 23.04 29.06
C GLY A 280 12.12 22.82 29.76
N ALA A 281 11.20 23.78 29.61
CA ALA A 281 9.88 23.66 30.22
C ALA A 281 9.17 22.39 29.76
N ILE A 282 9.41 21.98 28.51
CA ILE A 282 8.75 20.82 27.92
C ILE A 282 9.68 20.02 27.03
N ALA A 285 4.80 16.53 27.79
CA ALA A 285 4.37 17.79 27.18
C ALA A 285 4.87 17.90 25.75
N GLN A 286 4.25 17.14 24.86
CA GLN A 286 4.65 17.14 23.45
C GLN A 286 4.27 18.46 22.78
N ALA A 287 5.07 18.84 21.79
CA ALA A 287 4.93 20.12 21.11
C ALA A 287 5.06 19.93 19.61
N MET A 288 4.39 20.80 18.86
CA MET A 288 4.50 20.89 17.41
C MET A 288 5.06 22.25 17.03
N ILE A 289 5.97 22.25 16.06
CA ILE A 289 6.64 23.47 15.59
C ILE A 289 6.35 23.60 14.11
N PHE A 290 5.76 24.73 13.72
CA PHE A 290 5.30 24.96 12.35
C PHE A 290 6.23 25.95 11.65
N CYS A 291 6.73 25.55 10.49
CA CYS A 291 7.61 26.38 9.66
C CYS A 291 7.00 26.54 8.27
N HIS A 292 7.38 27.62 7.58
CA HIS A 292 6.81 27.90 6.27
C HIS A 292 7.40 27.00 5.19
N THR A 293 8.73 26.89 5.13
CA THR A 293 9.43 26.20 4.07
C THR A 293 10.05 24.91 4.59
N ARG A 294 10.15 23.92 3.69
CA ARG A 294 10.81 22.67 4.05
C ARG A 294 12.25 22.92 4.48
N LYS A 295 12.91 23.92 3.89
CA LYS A 295 14.26 24.24 4.33
C LYS A 295 14.29 24.66 5.80
N THR A 296 13.37 25.52 6.20
CA THR A 296 13.31 25.91 7.61
C THR A 296 13.07 24.69 8.50
N ALA A 297 12.15 23.82 8.10
CA ALA A 297 11.85 22.62 8.89
C ALA A 297 13.05 21.68 8.92
N SER A 298 13.72 21.51 7.79
CA SER A 298 14.91 20.65 7.76
C SER A 298 16.05 21.28 8.56
N TRP A 299 16.29 22.57 8.36
N TRP A 299 16.28 22.57 8.36
CA TRP A 299 17.34 23.26 9.11
CA TRP A 299 17.32 23.28 9.10
C TRP A 299 17.05 23.20 10.61
C TRP A 299 17.06 23.24 10.60
N LEU A 300 15.82 23.53 11.00
CA LEU A 300 15.48 23.56 12.42
C LEU A 300 15.59 22.17 13.05
N ALA A 301 15.09 21.14 12.36
CA ALA A 301 15.15 19.79 12.91
C ALA A 301 16.60 19.35 13.12
N ALA A 302 17.48 19.72 12.20
CA ALA A 302 18.89 19.35 12.33
C ALA A 302 19.53 20.03 13.52
N GLU A 303 19.32 21.34 13.67
CA GLU A 303 19.93 22.08 14.76
C GLU A 303 19.49 21.55 16.11
N LEU A 304 18.21 21.16 16.24
CA LEU A 304 17.73 20.60 17.50
C LEU A 304 18.43 19.28 17.83
N SER A 305 18.76 18.48 16.81
CA SER A 305 19.50 17.24 17.04
C SER A 305 20.90 17.53 17.57
N LYS A 306 21.59 18.50 16.97
CA LYS A 306 22.94 18.84 17.41
C LYS A 306 22.95 19.29 18.87
N GLU A 307 21.92 20.01 19.30
CA GLU A 307 21.81 20.50 20.67
C GLU A 307 21.22 19.48 21.61
N GLY A 308 21.19 18.20 21.24
CA GLY A 308 20.96 17.15 22.21
C GLY A 308 19.54 16.67 22.31
N HIS A 309 18.69 16.97 21.33
CA HIS A 309 17.28 16.57 21.41
C HIS A 309 16.82 16.04 20.07
N GLN A 310 16.10 14.92 20.12
CA GLN A 310 15.57 14.27 18.93
C GLN A 310 14.16 14.75 18.68
N VAL A 311 13.86 15.10 17.44
CA VAL A 311 12.57 15.60 17.04
C VAL A 311 12.17 14.89 15.77
N ALA A 312 10.85 14.72 15.60
CA ALA A 312 10.32 14.15 14.38
C ALA A 312 10.13 15.26 13.37
N LEU A 313 10.38 14.94 12.10
CA LEU A 313 10.22 15.87 11.00
C LEU A 313 9.08 15.42 10.10
N LEU A 314 8.31 16.39 9.61
CA LEU A 314 7.22 16.16 8.68
C LEU A 314 7.46 17.07 7.49
N SER A 315 8.01 16.50 6.42
CA SER A 315 8.38 17.25 5.23
C SER A 315 7.80 16.56 3.99
N GLY A 316 7.84 17.30 2.88
CA GLY A 316 7.10 16.91 1.69
C GLY A 316 7.71 15.77 0.90
N GLU A 317 9.01 15.50 1.05
CA GLU A 317 9.60 14.38 0.33
C GLU A 317 9.10 13.05 0.89
N MET A 318 8.54 13.05 2.08
CA MET A 318 8.04 11.82 2.69
C MET A 318 6.73 11.41 2.03
N MET A 319 6.60 10.12 1.74
CA MET A 319 5.34 9.57 1.27
C MET A 319 4.30 9.65 2.39
N VAL A 320 3.02 9.61 1.98
N VAL A 320 3.03 9.62 1.98
CA VAL A 320 1.94 9.74 2.94
CA VAL A 320 1.93 9.74 2.94
C VAL A 320 2.06 8.69 4.03
C VAL A 320 2.06 8.69 4.03
N GLU A 321 2.47 7.47 3.65
CA GLU A 321 2.63 6.40 4.64
C GLU A 321 3.74 6.72 5.63
N GLN A 322 4.79 7.42 5.19
CA GLN A 322 5.87 7.80 6.09
C GLN A 322 5.41 8.88 7.06
N ARG A 323 4.63 9.84 6.57
CA ARG A 323 4.09 10.86 7.46
C ARG A 323 3.23 10.24 8.55
N ALA A 324 2.40 9.27 8.18
CA ALA A 324 1.56 8.60 9.18
C ALA A 324 2.41 7.86 10.20
N ALA A 325 3.47 7.19 9.75
CA ALA A 325 4.34 6.47 10.69
C ALA A 325 4.99 7.45 11.67
N VAL A 326 5.41 8.62 11.18
CA VAL A 326 6.00 9.63 12.06
C VAL A 326 4.96 10.17 13.04
N ILE A 327 3.73 10.39 12.56
CA ILE A 327 2.68 10.89 13.45
C ILE A 327 2.35 9.85 14.52
N GLU A 328 2.33 8.58 14.13
CA GLU A 328 2.02 7.53 15.11
C GLU A 328 3.10 7.45 16.18
N ARG A 329 4.38 7.51 15.78
N ARG A 329 4.38 7.51 15.78
CA ARG A 329 5.46 7.51 16.76
CA ARG A 329 5.46 7.51 16.76
C ARG A 329 5.38 8.73 17.67
C ARG A 329 5.37 8.73 17.67
N PHE A 330 4.98 9.88 17.12
CA PHE A 330 4.83 11.08 17.93
C PHE A 330 3.73 10.90 18.98
N ARG A 331 2.64 10.22 18.60
CA ARG A 331 1.56 9.98 19.55
C ARG A 331 1.97 9.01 20.64
N GLU A 332 2.78 8.02 20.29
CA GLU A 332 3.24 7.01 21.25
C GLU A 332 4.35 7.52 22.16
N GLY A 333 4.68 8.81 22.11
CA GLY A 333 5.67 9.39 22.98
C GLY A 333 7.11 9.16 22.56
N LYS A 334 7.35 8.30 21.58
CA LYS A 334 8.73 8.07 21.14
C LYS A 334 9.38 9.35 20.66
N GLU A 335 8.59 10.28 20.15
CA GLU A 335 9.06 11.60 19.75
C GLU A 335 8.39 12.63 20.65
N LYS A 336 9.20 13.50 21.26
CA LYS A 336 8.66 14.51 22.17
C LYS A 336 8.32 15.81 21.47
N VAL A 337 8.88 16.06 20.29
CA VAL A 337 8.63 17.28 19.53
C VAL A 337 8.55 16.93 18.05
N LEU A 338 7.64 17.59 17.34
CA LEU A 338 7.42 17.35 15.92
C LEU A 338 7.57 18.67 15.18
N VAL A 339 8.50 18.72 14.24
CA VAL A 339 8.67 19.87 13.37
C VAL A 339 7.98 19.56 12.05
N THR A 340 7.22 20.54 11.53
CA THR A 340 6.46 20.32 10.32
C THR A 340 6.37 21.62 9.55
N THR A 341 6.18 21.48 8.23
CA THR A 341 5.85 22.62 7.40
C THR A 341 4.35 22.91 7.50
N ASN A 342 3.97 24.08 7.01
CA ASN A 342 2.55 24.43 7.00
C ASN A 342 1.75 23.48 6.12
N VAL A 343 2.31 23.09 4.98
CA VAL A 343 1.58 22.29 4.01
C VAL A 343 1.36 20.87 4.54
N CYS A 344 2.40 20.27 5.12
CA CYS A 344 2.28 18.89 5.60
C CYS A 344 1.30 18.75 6.75
N ALA A 345 1.06 19.83 7.51
CA ALA A 345 0.18 19.78 8.67
C ALA A 345 -1.21 20.34 8.39
N ARG A 346 -1.40 21.03 7.26
CA ARG A 346 -2.67 21.69 6.98
C ARG A 346 -3.79 20.67 6.89
N GLY A 347 -4.75 20.76 7.81
CA GLY A 347 -5.93 19.92 7.80
C GLY A 347 -5.72 18.52 8.34
N ILE A 348 -4.60 18.25 8.99
CA ILE A 348 -4.31 16.93 9.55
C ILE A 348 -4.73 16.95 11.02
N ASP A 349 -5.55 15.98 11.41
CA ASP A 349 -6.03 15.90 12.80
C ASP A 349 -5.00 15.17 13.65
N VAL A 350 -3.94 15.89 14.01
CA VAL A 350 -2.98 15.37 14.98
C VAL A 350 -3.54 15.61 16.37
N GLU A 351 -3.43 14.59 17.22
CA GLU A 351 -3.87 14.65 18.60
C GLU A 351 -2.66 14.53 19.53
N GLN A 352 -2.92 14.67 20.83
CA GLN A 352 -1.87 14.58 21.85
C GLN A 352 -0.79 15.65 21.65
N VAL A 353 -1.24 16.88 21.47
CA VAL A 353 -0.36 18.05 21.39
C VAL A 353 -0.86 19.05 22.44
N SER A 354 0.07 19.54 23.26
CA SER A 354 -0.25 20.51 24.30
C SER A 354 0.53 21.81 24.17
N VAL A 355 1.48 21.90 23.25
CA VAL A 355 2.25 23.11 23.02
C VAL A 355 2.40 23.31 21.52
N VAL A 356 2.20 24.54 21.07
CA VAL A 356 2.38 24.92 19.67
C VAL A 356 3.39 26.06 19.62
N ILE A 357 4.41 25.89 18.78
CA ILE A 357 5.40 26.92 18.51
C ILE A 357 5.21 27.33 17.06
N ASN A 358 4.74 28.56 16.83
CA ASN A 358 4.62 29.11 15.48
C ASN A 358 5.94 29.77 15.11
N PHE A 359 6.93 28.92 14.80
CA PHE A 359 8.23 29.39 14.35
C PHE A 359 8.09 30.38 13.20
N ASP A 360 7.12 30.12 12.31
CA ASP A 360 6.68 31.08 11.31
C ASP A 360 5.19 31.30 11.47
N LEU A 361 4.76 32.55 11.34
CA LEU A 361 3.34 32.85 11.49
C LEU A 361 2.56 32.33 10.30
N PRO A 362 1.37 31.75 10.52
CA PRO A 362 0.58 31.23 9.39
C PRO A 362 -0.01 32.37 8.57
N VAL A 363 0.33 32.41 7.29
CA VAL A 363 -0.15 33.41 6.35
C VAL A 363 -0.66 32.71 5.10
N ASP A 364 -1.75 33.22 4.54
CA ASP A 364 -2.30 32.67 3.31
C ASP A 364 -1.48 33.16 2.12
N LYS A 365 -1.85 32.71 0.92
CA LYS A 365 -1.11 33.14 -0.27
C LYS A 365 -1.24 34.62 -0.52
N ASP A 366 -2.31 35.26 -0.02
CA ASP A 366 -2.46 36.71 -0.14
C ASP A 366 -1.54 37.47 0.81
N GLY A 367 -0.75 36.78 1.62
CA GLY A 367 0.08 37.43 2.62
C GLY A 367 -0.64 37.80 3.89
N ASN A 368 -1.97 37.72 3.93
CA ASN A 368 -2.73 38.11 5.10
C ASN A 368 -2.64 37.02 6.18
N PRO A 369 -3.12 37.31 7.38
CA PRO A 369 -3.20 36.27 8.41
C PRO A 369 -4.11 35.13 8.00
N ASP A 370 -3.66 33.91 8.33
CA ASP A 370 -4.48 32.71 8.19
C ASP A 370 -5.06 32.39 9.57
N ASN A 371 -6.18 33.05 9.88
CA ASN A 371 -6.80 32.90 11.20
C ASN A 371 -7.40 31.51 11.37
N GLU A 372 -7.91 30.92 10.29
CA GLU A 372 -8.44 29.56 10.37
C GLU A 372 -7.36 28.58 10.83
N THR A 373 -6.20 28.61 10.15
CA THR A 373 -5.10 27.72 10.52
C THR A 373 -4.65 27.98 11.95
N TYR A 374 -4.62 29.25 12.37
CA TYR A 374 -4.19 29.56 13.73
C TYR A 374 -5.13 28.93 14.75
N LEU A 375 -6.44 29.04 14.51
CA LEU A 375 -7.41 28.47 15.44
C LEU A 375 -7.34 26.94 15.46
N HIS A 376 -7.09 26.32 14.30
CA HIS A 376 -7.08 24.86 14.24
C HIS A 376 -5.88 24.29 15.01
N ARG A 377 -4.70 24.85 14.81
CA ARG A 377 -3.51 24.34 15.49
C ARG A 377 -3.67 24.40 17.00
N ILE A 378 -4.03 25.57 17.51
CA ILE A 378 -4.14 25.80 18.95
C ILE A 378 -5.48 25.26 19.45
N GLY A 379 -5.43 24.47 20.53
CA GLY A 379 -6.64 23.93 21.13
C GLY A 379 -7.48 23.12 20.17
N GLY A 385 -10.86 20.72 26.84
CA GLY A 385 -10.79 21.76 27.85
C GLY A 385 -9.58 21.59 28.75
N LYS A 386 -8.45 21.26 28.14
CA LYS A 386 -7.19 21.04 28.85
C LYS A 386 -6.19 22.13 28.49
N ARG A 387 -5.42 22.56 29.49
CA ARG A 387 -4.50 23.67 29.33
C ARG A 387 -3.51 23.44 28.20
N GLY A 388 -3.43 24.42 27.29
CA GLY A 388 -2.49 24.39 26.19
C GLY A 388 -1.64 25.65 26.19
N LEU A 389 -0.56 25.62 25.41
CA LEU A 389 0.39 26.72 25.32
C LEU A 389 0.69 27.01 23.85
N ALA A 390 0.73 28.30 23.52
CA ALA A 390 1.01 28.75 22.16
C ALA A 390 2.05 29.85 22.19
N VAL A 391 3.19 29.60 21.56
CA VAL A 391 4.29 30.57 21.48
C VAL A 391 4.48 30.93 20.01
N ASN A 392 4.45 32.22 19.72
CA ASN A 392 4.59 32.75 18.37
C ASN A 392 5.94 33.45 18.23
N MET A 393 6.65 33.14 17.14
CA MET A 393 8.00 33.64 16.92
C MET A 393 7.94 34.75 15.88
N VAL A 394 8.21 35.97 16.32
CA VAL A 394 8.21 37.17 15.49
C VAL A 394 9.65 37.49 15.15
N ASP A 395 9.86 38.07 13.97
CA ASP A 395 11.22 38.31 13.48
C ASP A 395 11.34 39.71 12.89
N SER A 396 10.77 39.93 11.72
CA SER A 396 10.76 41.26 11.12
C SER A 396 9.59 42.07 11.69
N LYS A 397 9.58 43.37 11.36
CA LYS A 397 8.47 44.22 11.75
C LYS A 397 7.19 43.76 11.06
N HIS A 398 7.30 43.25 9.83
CA HIS A 398 6.15 42.68 9.12
C HIS A 398 5.48 41.60 9.96
N SER A 399 6.30 40.71 10.53
CA SER A 399 5.74 39.62 11.34
C SER A 399 5.05 40.16 12.58
N MET A 400 5.58 41.21 13.19
CA MET A 400 4.92 41.82 14.34
C MET A 400 3.64 42.52 13.92
N ASN A 401 3.65 43.18 12.76
CA ASN A 401 2.42 43.73 12.21
C ASN A 401 1.38 42.63 12.01
N ILE A 402 1.79 41.47 11.51
CA ILE A 402 0.87 40.37 11.31
C ILE A 402 0.33 39.87 12.65
N LEU A 403 1.23 39.57 13.59
CA LEU A 403 0.82 38.99 14.87
C LEU A 403 -0.27 39.84 15.53
N ASN A 404 -0.09 41.15 15.55
CA ASN A 404 -1.09 42.02 16.15
C ASN A 404 -2.43 41.92 15.43
N ARG A 405 -2.41 41.70 14.11
CA ARG A 405 -3.65 41.49 13.38
C ARG A 405 -4.35 40.22 13.84
N ILE A 406 -3.58 39.17 14.17
CA ILE A 406 -4.16 37.98 14.78
C ILE A 406 -4.75 38.34 16.13
N GLN A 407 -3.98 39.06 16.95
CA GLN A 407 -4.45 39.50 18.26
C GLN A 407 -5.74 40.30 18.13
N GLU A 408 -5.83 41.15 17.11
CA GLU A 408 -7.04 41.93 16.89
C GLU A 408 -8.21 41.03 16.49
N HIS A 409 -7.94 39.99 15.70
CA HIS A 409 -9.00 39.14 15.17
C HIS A 409 -9.76 38.46 16.29
N PHE A 410 -9.05 37.80 17.21
CA PHE A 410 -9.66 37.08 18.31
C PHE A 410 -9.88 37.95 19.54
N ASN A 411 -9.25 39.13 19.61
CA ASN A 411 -9.42 40.08 20.70
C ASN A 411 -8.96 39.51 22.04
N LYS A 412 -8.20 38.43 22.01
CA LYS A 412 -7.55 37.88 23.20
C LYS A 412 -6.07 38.20 23.15
N LYS A 413 -5.51 38.64 24.27
CA LYS A 413 -4.16 39.18 24.29
C LYS A 413 -3.13 38.05 24.18
N ILE A 414 -2.07 38.33 23.44
CA ILE A 414 -0.89 37.47 23.37
C ILE A 414 0.20 38.20 24.12
N GLU A 415 0.48 37.78 25.35
CA GLU A 415 1.43 38.48 26.19
C GLU A 415 2.85 38.29 25.67
N ARG A 416 3.65 39.35 25.72
CA ARG A 416 5.03 39.26 25.28
C ARG A 416 5.86 38.45 26.27
N LEU A 417 6.44 37.36 25.79
CA LEU A 417 7.32 36.52 26.58
C LEU A 417 8.74 37.04 26.41
N ASP A 418 9.49 37.09 27.51
CA ASP A 418 10.89 37.51 27.48
C ASP A 418 11.69 36.22 27.62
N THR A 419 12.07 35.67 26.45
CA THR A 419 12.78 34.40 26.41
C THR A 419 14.07 34.43 27.22
N ASP A 420 14.72 35.59 27.29
CA ASP A 420 15.94 35.73 28.10
C ASP A 420 15.66 35.38 29.56
N ASP A 421 14.56 35.90 30.11
CA ASP A 421 14.21 35.72 31.52
C ASP A 421 13.63 34.33 31.76
N LEU A 422 14.42 33.46 32.37
CA LEU A 422 13.96 32.10 32.67
C LEU A 422 12.84 32.10 33.70
N ASP A 423 12.81 33.09 34.59
CA ASP A 423 11.72 33.16 35.57
C ASP A 423 10.36 33.30 34.89
N GLU A 424 10.27 34.14 33.85
CA GLU A 424 9.00 34.26 33.16
C GLU A 424 8.61 32.96 32.46
N ILE A 425 9.61 32.20 32.01
CA ILE A 425 9.34 30.91 31.37
C ILE A 425 8.68 29.93 32.34
N GLU A 426 9.04 30.00 33.63
CA GLU A 426 8.36 29.16 34.62
C GLU A 426 6.95 29.67 34.89
N LYS A 427 6.72 30.98 34.78
CA LYS A 427 5.38 31.51 34.98
C LYS A 427 4.41 30.96 33.95
N ILE A 428 4.82 30.93 32.68
CA ILE A 428 3.96 30.40 31.64
C ILE A 428 3.71 28.90 31.86
N ALA A 429 4.78 28.15 32.21
CA ALA A 429 4.66 26.72 32.44
C ALA A 429 3.57 26.35 33.45
N ASN A 430 3.18 27.29 34.33
CA ASN A 430 2.13 27.03 35.30
C ASN A 430 0.75 27.00 34.67
N GLU B 5 4.78 -11.49 -20.01
CA GLU B 5 4.47 -10.06 -19.86
C GLU B 5 4.43 -9.61 -18.40
N ASP B 6 4.99 -8.42 -18.16
CA ASP B 6 5.03 -7.80 -16.84
C ASP B 6 5.75 -8.70 -15.83
N ARG B 7 7.06 -8.79 -16.02
CA ARG B 7 7.90 -9.44 -15.02
C ARG B 7 7.88 -8.68 -13.71
N ALA B 8 7.62 -7.38 -13.75
CA ALA B 8 7.59 -6.60 -12.52
C ALA B 8 6.42 -7.02 -11.64
N ALA B 9 5.28 -7.35 -12.24
CA ALA B 9 4.10 -7.75 -11.47
C ALA B 9 4.27 -9.15 -10.89
N GLN B 10 4.80 -10.09 -11.68
CA GLN B 10 5.12 -11.41 -11.16
C GLN B 10 6.08 -11.30 -9.97
N SER B 11 7.12 -10.47 -10.13
CA SER B 11 8.10 -10.31 -9.07
C SER B 11 7.47 -9.70 -7.82
N LEU B 12 6.58 -8.72 -8.00
CA LEU B 12 5.91 -8.12 -6.85
C LEU B 12 5.10 -9.16 -6.10
N LEU B 13 4.30 -9.95 -6.82
CA LEU B 13 3.46 -10.95 -6.16
C LEU B 13 4.30 -11.95 -5.40
N ASN B 14 5.44 -12.36 -5.97
CA ASN B 14 6.29 -13.31 -5.27
C ASN B 14 6.81 -12.73 -3.96
N LYS B 15 7.08 -11.42 -3.94
CA LYS B 15 7.49 -10.76 -2.70
C LYS B 15 6.40 -10.85 -1.65
N LEU B 16 5.16 -10.56 -2.04
CA LEU B 16 4.09 -10.49 -1.07
C LEU B 16 3.81 -11.85 -0.44
N ILE B 17 3.99 -12.93 -1.20
CA ILE B 17 3.69 -14.27 -0.70
C ILE B 17 4.93 -14.99 -0.16
N ARG B 18 6.12 -14.43 -0.34
CA ARG B 18 7.33 -15.07 0.17
C ARG B 18 7.36 -14.97 1.69
N SER B 19 7.48 -16.11 2.36
CA SER B 19 7.54 -16.15 3.82
C SER B 19 8.89 -16.57 4.37
N ASN B 20 9.71 -17.26 3.59
CA ASN B 20 11.02 -17.70 4.04
C ASN B 20 11.91 -17.97 2.82
N LEU B 21 13.18 -18.25 3.09
CA LEU B 21 14.14 -18.55 2.04
C LEU B 21 13.72 -19.80 1.28
N VAL B 22 14.06 -19.83 -0.01
CA VAL B 22 13.95 -21.04 -0.81
C VAL B 22 15.23 -21.85 -0.62
N ASP B 23 15.08 -23.15 -0.40
CA ASP B 23 16.24 -24.01 -0.18
C ASP B 23 16.82 -24.45 -1.52
N ASN B 24 18.12 -24.25 -1.67
CA ASN B 24 18.87 -24.65 -2.85
C ASN B 24 20.00 -25.55 -2.41
N THR B 25 20.22 -26.65 -3.13
CA THR B 25 21.26 -27.60 -2.79
C THR B 25 22.54 -27.41 -3.59
N ASN B 26 22.52 -26.56 -4.61
CA ASN B 26 23.72 -26.32 -5.40
C ASN B 26 24.71 -25.45 -4.60
N GLN B 27 25.90 -25.30 -5.16
CA GLN B 27 26.97 -24.54 -4.53
C GLN B 27 27.15 -23.21 -5.24
N VAL B 28 27.59 -22.21 -4.47
CA VAL B 28 27.79 -20.86 -5.00
C VAL B 28 29.09 -20.84 -5.78
N GLU B 29 29.02 -20.41 -7.04
CA GLU B 29 30.20 -20.20 -7.88
C GLU B 29 30.66 -18.76 -7.70
N VAL B 30 31.91 -18.58 -7.28
CA VAL B 30 32.48 -17.26 -7.00
C VAL B 30 33.61 -17.01 -7.98
N LEU B 31 33.54 -15.88 -8.67
CA LEU B 31 34.54 -15.44 -9.63
C LEU B 31 35.05 -14.08 -9.17
N GLN B 32 36.10 -14.08 -8.35
CA GLN B 32 36.64 -12.83 -7.83
C GLN B 32 37.46 -12.13 -8.91
N ARG B 33 37.46 -10.79 -8.86
CA ARG B 33 38.17 -10.04 -9.89
C ARG B 33 39.67 -10.24 -9.78
N ASP B 34 40.19 -10.32 -8.56
CA ASP B 34 41.62 -10.52 -8.32
C ASP B 34 41.85 -11.84 -7.60
N PRO B 35 42.20 -12.92 -8.31
CA PRO B 35 42.46 -14.20 -7.62
C PRO B 35 43.63 -14.15 -6.65
N ASN B 36 44.48 -13.12 -6.69
CA ASN B 36 45.63 -13.07 -5.78
C ASN B 36 45.23 -12.80 -4.35
N SER B 37 44.19 -11.99 -4.12
CA SER B 37 43.74 -11.64 -2.77
C SER B 37 42.34 -12.22 -2.56
N PRO B 38 42.23 -13.52 -2.30
CA PRO B 38 40.90 -14.13 -2.17
C PRO B 38 40.26 -13.84 -0.82
N LEU B 39 38.97 -13.52 -0.86
CA LEU B 39 38.16 -13.42 0.35
C LEU B 39 37.54 -14.77 0.68
N TYR B 40 37.04 -14.88 1.91
CA TYR B 40 36.51 -16.14 2.42
C TYR B 40 35.09 -15.96 2.92
N SER B 41 34.32 -17.04 2.84
CA SER B 41 32.91 -17.03 3.21
C SER B 41 32.73 -17.17 4.71
N VAL B 42 31.52 -16.82 5.17
CA VAL B 42 31.15 -16.92 6.58
C VAL B 42 29.91 -17.78 6.69
N LYS B 43 29.70 -18.30 7.90
CA LYS B 43 28.55 -19.14 8.22
C LYS B 43 27.72 -18.56 9.36
N SER B 44 28.00 -17.32 9.77
CA SER B 44 27.25 -16.68 10.84
C SER B 44 27.40 -15.17 10.70
N PHE B 45 26.42 -14.44 11.24
CA PHE B 45 26.48 -12.99 11.21
C PHE B 45 27.55 -12.44 12.14
N GLU B 46 27.82 -13.12 13.25
CA GLU B 46 28.85 -12.65 14.16
C GLU B 46 30.20 -12.55 13.48
N GLU B 47 30.49 -13.47 12.55
CA GLU B 47 31.76 -13.45 11.84
C GLU B 47 31.96 -12.18 11.01
N LEU B 48 30.88 -11.42 10.76
CA LEU B 48 30.97 -10.22 9.95
C LEU B 48 31.30 -8.97 10.75
N ARG B 49 31.29 -9.06 12.08
CA ARG B 49 31.60 -7.94 12.96
C ARG B 49 30.76 -6.72 12.58
N LEU B 50 29.45 -6.92 12.58
CA LEU B 50 28.51 -5.85 12.27
C LEU B 50 28.40 -4.88 13.45
N LYS B 51 27.98 -3.66 13.14
CA LYS B 51 27.64 -2.72 14.19
C LYS B 51 26.53 -3.31 15.05
N PRO B 52 26.61 -3.19 16.38
CA PRO B 52 25.60 -3.84 17.23
C PRO B 52 24.17 -3.47 16.85
N GLN B 53 23.92 -2.19 16.54
N GLN B 53 23.91 -2.19 16.56
CA GLN B 53 22.58 -1.78 16.15
CA GLN B 53 22.58 -1.78 16.15
C GLN B 53 22.10 -2.55 14.92
C GLN B 53 22.10 -2.56 14.93
N LEU B 54 23.03 -2.97 14.06
CA LEU B 54 22.65 -3.67 12.84
C LEU B 54 22.39 -5.16 13.10
N LEU B 55 23.28 -5.81 13.84
CA LEU B 55 23.05 -7.21 14.20
C LEU B 55 21.76 -7.36 14.98
N GLN B 56 21.47 -6.38 15.83
CA GLN B 56 20.20 -6.34 16.57
C GLN B 56 19.02 -6.35 15.61
N GLY B 57 19.08 -5.52 14.56
CA GLY B 57 18.01 -5.50 13.58
C GLY B 57 17.90 -6.80 12.80
N VAL B 58 19.04 -7.40 12.45
CA VAL B 58 19.06 -8.65 11.71
C VAL B 58 18.34 -9.75 12.49
N TYR B 59 18.66 -9.87 13.78
CA TYR B 59 18.04 -10.92 14.58
C TYR B 59 16.57 -10.62 14.85
N ALA B 60 16.23 -9.35 15.05
CA ALA B 60 14.84 -9.00 15.37
C ALA B 60 13.89 -9.28 14.22
N MET B 61 14.38 -9.30 12.98
CA MET B 61 13.54 -9.60 11.84
C MET B 61 13.50 -11.10 11.51
N GLY B 62 14.06 -11.94 12.38
CA GLY B 62 13.94 -13.38 12.27
C GLY B 62 15.08 -14.11 11.59
N PHE B 63 16.12 -13.42 11.14
CA PHE B 63 17.28 -14.09 10.57
C PHE B 63 18.18 -14.61 11.69
N ASN B 64 18.70 -15.82 11.51
CA ASN B 64 19.65 -16.39 12.47
C ASN B 64 21.03 -16.68 11.87
N ARG B 65 21.11 -16.99 10.58
CA ARG B 65 22.38 -17.27 9.93
C ARG B 65 22.28 -16.83 8.48
N PRO B 66 23.39 -16.42 7.87
CA PRO B 66 23.34 -16.00 6.47
C PRO B 66 22.80 -17.11 5.57
N SER B 67 22.00 -16.71 4.59
CA SER B 67 21.56 -17.64 3.57
C SER B 67 22.76 -18.08 2.72
N LYS B 68 22.54 -19.12 1.91
CA LYS B 68 23.65 -19.67 1.13
C LYS B 68 24.34 -18.58 0.30
N ILE B 69 23.57 -17.78 -0.42
CA ILE B 69 24.17 -16.73 -1.23
C ILE B 69 24.80 -15.66 -0.33
N GLN B 70 24.19 -15.40 0.84
CA GLN B 70 24.74 -14.40 1.74
C GLN B 70 26.07 -14.84 2.33
N GLU B 71 26.29 -16.15 2.48
CA GLU B 71 27.56 -16.65 3.01
C GLU B 71 28.74 -16.12 2.19
N ASN B 72 28.55 -15.93 0.89
CA ASN B 72 29.58 -15.42 -0.01
C ASN B 72 29.41 -13.93 -0.30
N ALA B 73 28.17 -13.46 -0.44
CA ALA B 73 27.94 -12.07 -0.85
C ALA B 73 28.26 -11.10 0.27
N LEU B 74 27.93 -11.45 1.52
CA LEU B 74 28.15 -10.52 2.62
C LEU B 74 29.64 -10.25 2.86
N PRO B 75 30.50 -11.25 3.03
CA PRO B 75 31.93 -10.93 3.21
C PRO B 75 32.51 -10.17 2.02
N LEU B 76 32.01 -10.44 0.83
CA LEU B 76 32.49 -9.75 -0.36
C LEU B 76 32.03 -8.30 -0.38
N MET B 77 30.82 -8.02 0.10
CA MET B 77 30.32 -6.65 0.11
C MET B 77 30.84 -5.82 1.28
N LEU B 78 31.24 -6.46 2.38
CA LEU B 78 31.71 -5.71 3.55
C LEU B 78 33.22 -5.54 3.58
N ALA B 79 33.95 -6.15 2.67
CA ALA B 79 35.40 -6.03 2.69
C ALA B 79 35.82 -4.59 2.39
N GLU B 80 36.96 -4.20 2.95
CA GLU B 80 37.53 -2.88 2.75
C GLU B 80 38.84 -3.00 2.01
N PRO B 81 39.11 -2.17 0.97
CA PRO B 81 38.18 -1.19 0.43
C PRO B 81 37.03 -1.85 -0.33
N PRO B 82 35.92 -1.13 -0.53
CA PRO B 82 34.73 -1.74 -1.13
C PRO B 82 35.01 -2.37 -2.49
N GLN B 83 34.44 -3.55 -2.69
CA GLN B 83 34.51 -4.26 -3.97
C GLN B 83 33.13 -4.28 -4.63
N ASN B 84 33.12 -4.10 -5.94
CA ASN B 84 31.87 -4.14 -6.69
C ASN B 84 31.46 -5.59 -6.94
N LEU B 85 30.15 -5.79 -7.18
CA LEU B 85 29.59 -7.13 -7.22
C LEU B 85 28.44 -7.23 -8.22
N ILE B 86 28.46 -8.33 -8.98
CA ILE B 86 27.31 -8.78 -9.76
C ILE B 86 26.92 -10.15 -9.22
N ALA B 87 25.72 -10.25 -8.67
CA ALA B 87 25.25 -11.48 -8.02
C ALA B 87 24.01 -11.99 -8.72
N GLN B 88 23.95 -13.30 -8.94
CA GLN B 88 22.81 -13.93 -9.59
C GLN B 88 22.36 -15.13 -8.77
N SER B 89 21.10 -15.12 -8.36
CA SER B 89 20.49 -16.27 -7.70
C SER B 89 18.99 -16.08 -7.73
N GLN B 90 18.26 -17.20 -7.75
CA GLN B 90 16.82 -17.18 -7.94
C GLN B 90 16.14 -16.36 -6.84
N SER B 91 14.90 -15.98 -7.13
CA SER B 91 14.13 -15.22 -6.16
C SER B 91 13.91 -16.02 -4.89
N GLY B 92 14.03 -15.36 -3.75
CA GLY B 92 13.87 -15.99 -2.47
C GLY B 92 15.14 -16.51 -1.84
N THR B 93 16.32 -16.13 -2.36
CA THR B 93 17.60 -16.60 -1.84
C THR B 93 18.27 -15.61 -0.89
N GLY B 94 17.68 -14.45 -0.68
CA GLY B 94 18.21 -13.47 0.25
C GLY B 94 19.07 -12.38 -0.36
N LYS B 95 18.97 -12.16 -1.68
CA LYS B 95 19.77 -11.12 -2.31
C LYS B 95 19.46 -9.75 -1.71
N THR B 96 18.18 -9.44 -1.54
CA THR B 96 17.79 -8.11 -1.10
C THR B 96 18.22 -7.86 0.33
N ALA B 97 17.95 -8.81 1.23
CA ALA B 97 18.45 -8.67 2.60
C ALA B 97 19.96 -8.49 2.61
N ALA B 98 20.66 -9.11 1.66
CA ALA B 98 22.12 -8.99 1.60
C ALA B 98 22.55 -7.55 1.33
N PHE B 99 21.98 -6.91 0.31
CA PHE B 99 22.47 -5.57 0.00
C PHE B 99 21.89 -4.52 0.94
N VAL B 100 20.74 -4.78 1.55
CA VAL B 100 20.23 -3.89 2.59
C VAL B 100 21.20 -3.86 3.77
N LEU B 101 21.67 -5.03 4.18
CA LEU B 101 22.66 -5.10 5.26
C LEU B 101 23.93 -4.35 4.87
N ALA B 102 24.38 -4.50 3.63
CA ALA B 102 25.58 -3.78 3.17
C ALA B 102 25.36 -2.27 3.22
N MET B 103 24.19 -1.81 2.75
CA MET B 103 23.89 -0.38 2.78
C MET B 103 23.90 0.15 4.20
N LEU B 104 23.27 -0.56 5.13
CA LEU B 104 23.19 -0.10 6.50
C LEU B 104 24.52 -0.14 7.21
N SER B 105 25.46 -0.98 6.76
CA SER B 105 26.78 -1.01 7.37
C SER B 105 27.60 0.22 7.01
N GLN B 106 27.46 0.71 5.78
CA GLN B 106 28.31 1.80 5.29
C GLN B 106 27.72 3.17 5.56
N VAL B 107 26.44 3.28 5.90
CA VAL B 107 25.84 4.58 6.14
C VAL B 107 26.31 5.12 7.48
N GLU B 108 26.58 6.42 7.51
CA GLU B 108 26.87 7.15 8.75
C GLU B 108 25.70 8.08 9.03
N PRO B 109 24.74 7.71 9.90
CA PRO B 109 23.53 8.52 10.04
C PRO B 109 23.78 9.95 10.47
N ALA B 110 24.97 10.29 10.94
CA ALA B 110 25.26 11.66 11.33
C ALA B 110 25.27 12.59 10.12
N ASN B 111 25.73 12.11 8.97
CA ASN B 111 25.78 12.90 7.74
C ASN B 111 24.41 12.91 7.10
N LYS B 112 23.75 14.08 7.11
CA LYS B 112 22.35 14.19 6.72
C LYS B 112 22.25 14.47 5.22
N TYR B 113 22.64 13.49 4.43
CA TYR B 113 22.48 13.52 2.99
C TYR B 113 22.55 12.11 2.45
N PRO B 114 22.03 11.86 1.24
CA PRO B 114 22.02 10.50 0.71
C PRO B 114 23.43 9.92 0.55
N GLN B 115 23.62 8.72 1.10
CA GLN B 115 24.87 7.99 0.98
C GLN B 115 24.73 6.66 0.26
N CYS B 116 23.53 6.09 0.22
CA CYS B 116 23.25 4.83 -0.44
C CYS B 116 22.04 5.02 -1.35
N LEU B 117 22.15 4.50 -2.56
CA LEU B 117 21.14 4.67 -3.60
C LEU B 117 20.82 3.30 -4.18
N CYS B 118 19.53 2.96 -4.20
CA CYS B 118 19.04 1.70 -4.74
C CYS B 118 18.03 1.99 -5.85
N LEU B 119 18.23 1.36 -7.00
CA LEU B 119 17.30 1.45 -8.13
C LEU B 119 16.43 0.21 -8.16
N SER B 120 15.11 0.43 -8.24
CA SER B 120 14.12 -0.62 -8.38
C SER B 120 13.32 -0.43 -9.66
N PRO B 121 12.84 -1.50 -10.28
CA PRO B 121 12.12 -1.34 -11.56
C PRO B 121 10.80 -0.58 -11.44
N THR B 122 10.13 -0.64 -10.28
CA THR B 122 8.82 -0.02 -10.13
C THR B 122 8.68 0.56 -8.74
N TYR B 123 7.66 1.41 -8.61
CA TYR B 123 7.26 1.98 -7.32
C TYR B 123 6.93 0.88 -6.33
N GLU B 124 6.12 -0.10 -6.74
CA GLU B 124 5.70 -1.16 -5.82
C GLU B 124 6.89 -1.98 -5.33
N LEU B 125 7.83 -2.30 -6.22
CA LEU B 125 9.00 -3.04 -5.79
C LEU B 125 9.92 -2.21 -4.90
N ALA B 126 9.98 -0.89 -5.13
CA ALA B 126 10.77 -0.03 -4.26
C ALA B 126 10.19 -0.03 -2.84
N LEU B 127 8.86 0.00 -2.71
CA LEU B 127 8.24 -0.01 -1.39
C LEU B 127 8.54 -1.29 -0.64
N GLN B 128 8.56 -2.43 -1.33
CA GLN B 128 8.88 -3.70 -0.69
C GLN B 128 10.32 -3.72 -0.18
N THR B 129 11.24 -3.19 -0.97
CA THR B 129 12.63 -3.10 -0.52
C THR B 129 12.78 -2.11 0.62
N GLY B 130 12.04 -0.99 0.57
CA GLY B 130 12.07 -0.04 1.65
C GLY B 130 11.61 -0.63 2.97
N LYS B 131 10.67 -1.58 2.94
CA LYS B 131 10.24 -2.25 4.17
C LYS B 131 11.41 -3.01 4.81
N VAL B 132 12.21 -3.68 3.99
CA VAL B 132 13.35 -4.42 4.53
C VAL B 132 14.35 -3.45 5.16
N ILE B 133 14.58 -2.31 4.51
CA ILE B 133 15.47 -1.29 5.06
C ILE B 133 14.94 -0.79 6.39
N GLU B 134 13.64 -0.50 6.46
CA GLU B 134 13.03 0.00 7.67
C GLU B 134 13.13 -1.02 8.80
N GLN B 135 12.90 -2.29 8.51
CA GLN B 135 12.97 -3.33 9.54
C GLN B 135 14.40 -3.49 10.04
N MET B 136 15.33 -3.77 9.13
CA MET B 136 16.69 -4.11 9.53
C MET B 136 17.38 -2.93 10.21
N GLY B 137 17.03 -1.70 9.85
CA GLY B 137 17.67 -0.54 10.41
C GLY B 137 16.84 0.18 11.46
N LYS B 138 15.85 -0.52 12.03
CA LYS B 138 14.93 0.13 12.95
C LYS B 138 15.57 0.54 14.27
N PHE B 139 16.77 0.04 14.58
CA PHE B 139 17.50 0.47 15.77
C PHE B 139 18.51 1.56 15.46
N TYR B 140 18.52 2.08 14.22
CA TYR B 140 19.18 3.33 13.90
C TYR B 140 18.16 4.46 14.08
N PRO B 141 18.16 5.17 15.20
CA PRO B 141 17.10 6.16 15.43
C PRO B 141 17.09 7.27 14.39
N GLU B 142 18.26 7.75 13.99
CA GLU B 142 18.37 8.91 13.11
C GLU B 142 18.31 8.56 11.63
N LEU B 143 18.21 7.29 11.28
CA LEU B 143 18.26 6.87 9.89
C LEU B 143 16.89 7.06 9.23
N LYS B 144 16.87 7.78 8.11
CA LYS B 144 15.64 8.08 7.38
C LYS B 144 15.78 7.66 5.93
N LEU B 145 14.65 7.36 5.31
CA LEU B 145 14.60 6.82 3.96
C LEU B 145 13.73 7.69 3.07
N ALA B 146 14.20 7.95 1.86
CA ALA B 146 13.45 8.73 0.87
C ALA B 146 13.12 7.85 -0.32
N TYR B 147 11.90 8.02 -0.85
CA TYR B 147 11.42 7.28 -2.01
C TYR B 147 11.43 8.22 -3.21
N ALA B 148 12.34 7.96 -4.15
CA ALA B 148 12.47 8.77 -5.36
C ALA B 148 11.63 8.13 -6.46
N VAL B 149 10.33 8.42 -6.42
CA VAL B 149 9.36 7.85 -7.32
C VAL B 149 8.46 8.96 -7.85
N ARG B 150 7.73 8.64 -8.92
CA ARG B 150 6.94 9.66 -9.62
C ARG B 150 5.95 10.36 -8.70
N GLY B 151 5.37 9.63 -7.76
CA GLY B 151 4.37 10.22 -6.87
C GLY B 151 4.91 11.21 -5.86
N ASN B 152 6.23 11.40 -5.78
CA ASN B 152 6.81 12.21 -4.72
C ASN B 152 6.68 13.70 -5.03
N LYS B 153 6.13 14.45 -4.06
CA LYS B 153 5.95 15.89 -4.17
C LYS B 153 7.20 16.59 -3.64
N LEU B 154 7.98 17.23 -4.51
CA LEU B 154 9.21 17.91 -4.11
C LEU B 154 9.24 19.32 -4.65
N GLU B 155 9.36 20.29 -3.75
CA GLU B 155 9.53 21.69 -4.12
C GLU B 155 11.00 21.93 -4.44
N ARG B 156 11.25 22.67 -5.51
CA ARG B 156 12.62 22.91 -5.92
C ARG B 156 13.36 23.73 -4.86
N GLY B 157 14.69 23.70 -4.95
CA GLY B 157 15.54 24.36 -3.98
C GLY B 157 15.83 23.49 -2.76
N GLN B 158 14.93 22.56 -2.46
CA GLN B 158 15.13 21.62 -1.37
C GLN B 158 16.29 20.68 -1.66
N LYS B 159 16.97 20.26 -0.59
CA LYS B 159 17.96 19.18 -0.66
C LYS B 159 17.59 18.15 0.40
N ILE B 160 17.37 16.90 -0.03
CA ILE B 160 16.86 15.89 0.87
C ILE B 160 17.95 15.47 1.85
N SER B 161 17.55 15.25 3.10
CA SER B 161 18.46 14.92 4.19
C SER B 161 18.46 13.43 4.52
N GLU B 162 17.59 12.64 3.89
CA GLU B 162 17.58 11.21 4.13
C GLU B 162 18.90 10.57 3.68
N GLN B 163 19.40 9.62 4.47
CA GLN B 163 20.70 9.01 4.19
C GLN B 163 20.62 7.89 3.16
N ILE B 164 19.43 7.31 2.95
CA ILE B 164 19.24 6.25 1.96
C ILE B 164 18.11 6.67 1.03
N VAL B 165 18.30 6.41 -0.26
CA VAL B 165 17.32 6.73 -1.29
C VAL B 165 17.05 5.47 -2.10
N ILE B 166 15.78 5.12 -2.24
CA ILE B 166 15.35 4.07 -3.15
C ILE B 166 14.36 4.69 -4.13
N GLY B 167 14.44 4.27 -5.39
CA GLY B 167 13.56 4.85 -6.38
C GLY B 167 13.66 4.12 -7.70
N THR B 168 12.88 4.60 -8.64
CA THR B 168 12.89 4.13 -10.01
C THR B 168 13.79 5.02 -10.87
N PRO B 169 14.32 4.49 -11.97
CA PRO B 169 15.41 5.21 -12.67
C PRO B 169 15.05 6.61 -13.12
N GLY B 170 13.86 6.80 -13.72
CA GLY B 170 13.50 8.10 -14.25
C GLY B 170 13.56 9.19 -13.20
N THR B 171 12.96 8.95 -12.04
CA THR B 171 12.93 9.96 -10.99
C THR B 171 14.31 10.12 -10.34
N VAL B 172 15.04 9.02 -10.12
CA VAL B 172 16.37 9.12 -9.52
C VAL B 172 17.28 9.96 -10.41
N LEU B 173 17.18 9.77 -11.73
CA LEU B 173 17.96 10.58 -12.65
C LEU B 173 17.61 12.06 -12.51
N ASP B 174 16.30 12.37 -12.41
CA ASP B 174 15.87 13.75 -12.20
C ASP B 174 16.47 14.31 -10.91
N TRP B 175 16.41 13.53 -9.83
CA TRP B 175 16.90 14.01 -8.53
C TRP B 175 18.40 14.26 -8.55
N CYS B 176 19.15 13.42 -9.25
CA CYS B 176 20.61 13.53 -9.24
C CYS B 176 21.14 14.64 -10.15
N SER B 177 20.39 15.03 -11.16
CA SER B 177 20.87 15.99 -12.15
C SER B 177 20.01 17.25 -12.17
N LYS B 178 18.83 17.17 -12.79
CA LYS B 178 18.05 18.36 -13.09
C LYS B 178 17.68 19.13 -11.83
N LEU B 179 17.06 18.46 -10.87
CA LEU B 179 16.46 19.12 -9.72
C LEU B 179 17.43 19.30 -8.55
N LYS B 180 18.64 18.78 -8.65
CA LYS B 180 19.70 19.03 -7.66
C LYS B 180 19.27 18.58 -6.27
N PHE B 181 18.53 17.48 -6.20
CA PHE B 181 18.06 16.93 -4.93
C PHE B 181 19.06 15.98 -4.28
N ILE B 182 19.87 15.28 -5.09
CA ILE B 182 20.92 14.40 -4.60
C ILE B 182 22.23 14.84 -5.23
N ASP B 183 23.28 14.89 -4.41
CA ASP B 183 24.64 15.01 -4.92
C ASP B 183 25.17 13.60 -5.17
N PRO B 184 25.21 13.13 -6.42
CA PRO B 184 25.62 11.74 -6.65
C PRO B 184 27.06 11.47 -6.24
N LYS B 185 27.91 12.49 -6.20
CA LYS B 185 29.30 12.30 -5.83
C LYS B 185 29.46 11.97 -4.35
N LYS B 186 28.41 12.07 -3.55
CA LYS B 186 28.43 11.68 -2.15
C LYS B 186 27.89 10.28 -1.93
N ILE B 187 27.48 9.59 -3.00
CA ILE B 187 26.93 8.25 -2.88
C ILE B 187 28.08 7.28 -2.66
N LYS B 188 28.00 6.51 -1.58
CA LYS B 188 29.02 5.52 -1.23
C LYS B 188 28.65 4.12 -1.70
N VAL B 189 27.36 3.82 -1.79
CA VAL B 189 26.88 2.50 -2.19
C VAL B 189 25.75 2.67 -3.19
N PHE B 190 25.87 1.98 -4.32
CA PHE B 190 24.88 2.04 -5.39
C PHE B 190 24.42 0.62 -5.70
N VAL B 191 23.10 0.41 -5.63
CA VAL B 191 22.51 -0.90 -5.87
C VAL B 191 21.54 -0.79 -7.04
N LEU B 192 21.61 -1.76 -7.95
CA LEU B 192 20.60 -1.95 -8.98
C LEU B 192 19.96 -3.31 -8.70
N ASP B 193 18.73 -3.29 -8.20
CA ASP B 193 18.04 -4.52 -7.84
C ASP B 193 17.19 -5.03 -9.00
N GLU B 194 17.09 -6.35 -9.09
CA GLU B 194 16.21 -7.01 -10.05
C GLU B 194 16.51 -6.56 -11.48
N ALA B 195 17.79 -6.72 -11.87
CA ALA B 195 18.21 -6.33 -13.20
C ALA B 195 17.45 -7.06 -14.28
N ASP B 196 17.04 -8.31 -14.02
CA ASP B 196 16.27 -9.06 -15.01
C ASP B 196 14.94 -8.38 -15.32
N VAL B 197 14.35 -7.73 -14.32
CA VAL B 197 13.13 -6.95 -14.55
C VAL B 197 13.48 -5.58 -15.13
N MET B 198 14.56 -4.97 -14.62
CA MET B 198 14.93 -3.62 -15.03
C MET B 198 15.14 -3.52 -16.54
N ILE B 199 15.75 -4.54 -17.14
CA ILE B 199 16.08 -4.49 -18.56
C ILE B 199 14.86 -4.60 -19.46
N ALA B 200 13.70 -4.98 -18.93
CA ALA B 200 12.50 -5.09 -19.75
C ALA B 200 12.16 -3.78 -20.43
N THR B 201 12.62 -2.65 -19.90
CA THR B 201 12.40 -1.34 -20.49
C THR B 201 13.72 -0.80 -21.04
N GLN B 202 13.71 -0.35 -22.29
CA GLN B 202 14.91 0.25 -22.87
C GLN B 202 15.31 1.47 -22.07
N GLY B 203 14.34 2.32 -21.73
CA GLY B 203 14.65 3.53 -20.99
C GLY B 203 15.27 3.24 -19.63
N HIS B 204 14.83 2.18 -18.96
CA HIS B 204 15.41 1.83 -17.67
C HIS B 204 16.91 1.55 -17.80
N GLN B 205 17.30 0.85 -18.87
CA GLN B 205 18.71 0.57 -19.08
C GLN B 205 19.51 1.86 -19.23
N ASP B 206 19.06 2.74 -20.14
CA ASP B 206 19.79 3.98 -20.39
C ASP B 206 19.80 4.88 -19.15
N GLN B 207 18.65 5.01 -18.48
CA GLN B 207 18.60 5.83 -17.27
C GLN B 207 19.50 5.26 -16.19
N SER B 208 19.50 3.94 -16.02
CA SER B 208 20.34 3.30 -14.99
C SER B 208 21.82 3.55 -15.26
N ILE B 209 22.23 3.45 -16.52
CA ILE B 209 23.63 3.67 -16.86
C ILE B 209 24.01 5.13 -16.62
N ARG B 210 23.16 6.06 -17.04
CA ARG B 210 23.45 7.47 -16.82
C ARG B 210 23.61 7.78 -15.33
N ILE B 211 22.77 7.18 -14.50
CA ILE B 211 22.90 7.36 -13.05
C ILE B 211 24.26 6.87 -12.58
N GLN B 212 24.64 5.65 -13.02
CA GLN B 212 25.88 5.06 -12.57
C GLN B 212 27.10 5.93 -12.95
N ARG B 213 27.07 6.52 -14.14
CA ARG B 213 28.20 7.35 -14.60
C ARG B 213 28.38 8.60 -13.76
N MET B 214 27.34 9.05 -13.06
CA MET B 214 27.43 10.23 -12.21
C MET B 214 28.05 9.92 -10.85
N LEU B 215 28.24 8.65 -10.52
CA LEU B 215 28.76 8.27 -9.21
C LEU B 215 30.27 8.47 -9.16
N PRO B 216 30.83 8.61 -7.95
CA PRO B 216 32.28 8.78 -7.81
C PRO B 216 33.00 7.44 -7.92
N ARG B 217 34.32 7.53 -8.05
CA ARG B 217 35.14 6.34 -8.28
C ARG B 217 35.13 5.40 -7.08
N ASN B 218 35.13 5.94 -5.87
CA ASN B 218 35.12 5.10 -4.66
C ASN B 218 33.73 4.58 -4.30
N CYS B 219 32.70 4.86 -5.09
CA CYS B 219 31.37 4.33 -4.78
C CYS B 219 31.31 2.84 -5.10
N GLN B 220 30.75 2.07 -4.17
CA GLN B 220 30.58 0.63 -4.37
C GLN B 220 29.39 0.37 -5.29
N MET B 221 29.58 -0.52 -6.25
CA MET B 221 28.58 -0.84 -7.27
C MET B 221 28.11 -2.26 -7.09
N LEU B 222 26.81 -2.44 -6.87
CA LEU B 222 26.21 -3.74 -6.63
C LEU B 222 25.02 -3.92 -7.56
N LEU B 223 24.91 -5.10 -8.16
CA LEU B 223 23.81 -5.44 -9.04
C LEU B 223 23.38 -6.86 -8.73
N PHE B 224 22.06 -7.08 -8.73
CA PHE B 224 21.47 -8.36 -8.38
C PHE B 224 20.43 -8.74 -9.41
N SER B 225 20.36 -10.02 -9.73
CA SER B 225 19.43 -10.53 -10.72
C SER B 225 18.99 -11.93 -10.33
N ALA B 226 17.74 -12.26 -10.68
CA ALA B 226 17.24 -13.61 -10.46
C ALA B 226 17.69 -14.56 -11.56
N THR B 227 17.97 -14.04 -12.75
CA THR B 227 18.37 -14.83 -13.90
C THR B 227 19.68 -14.27 -14.46
N PHE B 228 20.36 -15.09 -15.26
CA PHE B 228 21.62 -14.70 -15.86
C PHE B 228 21.57 -14.69 -17.39
N GLU B 229 20.38 -14.50 -17.94
CA GLU B 229 20.23 -14.46 -19.40
C GLU B 229 21.18 -13.43 -19.99
N ASP B 230 21.63 -13.70 -21.22
CA ASP B 230 22.74 -12.96 -21.80
C ASP B 230 22.47 -11.46 -21.85
N SER B 231 21.23 -11.06 -22.11
CA SER B 231 20.91 -9.64 -22.11
C SER B 231 21.19 -9.01 -20.75
N VAL B 232 20.86 -9.72 -19.68
CA VAL B 232 21.12 -9.20 -18.34
C VAL B 232 22.60 -9.12 -18.07
N TRP B 233 23.37 -10.13 -18.51
CA TRP B 233 24.80 -10.13 -18.26
C TRP B 233 25.48 -8.97 -18.96
N LYS B 234 25.14 -8.72 -20.23
CA LYS B 234 25.75 -7.61 -20.95
C LYS B 234 25.37 -6.27 -20.35
N PHE B 235 24.11 -6.14 -19.91
CA PHE B 235 23.72 -4.91 -19.22
C PHE B 235 24.51 -4.73 -17.93
N ALA B 236 24.64 -5.80 -17.14
CA ALA B 236 25.34 -5.71 -15.86
C ALA B 236 26.79 -5.28 -16.05
N GLN B 237 27.43 -5.75 -17.13
CA GLN B 237 28.82 -5.38 -17.39
C GLN B 237 28.98 -3.89 -17.63
N LYS B 238 27.96 -3.24 -18.21
CA LYS B 238 28.01 -1.80 -18.43
C LYS B 238 27.74 -1.01 -17.16
N VAL B 239 27.11 -1.62 -16.16
CA VAL B 239 26.76 -0.91 -14.94
C VAL B 239 27.82 -1.07 -13.86
N VAL B 240 28.39 -2.27 -13.71
CA VAL B 240 29.27 -2.58 -12.58
C VAL B 240 30.69 -2.74 -13.11
N PRO B 241 31.57 -1.75 -12.97
CA PRO B 241 32.95 -1.92 -13.42
C PRO B 241 33.74 -2.77 -12.45
N ASP B 242 34.69 -3.52 -13.00
CA ASP B 242 35.63 -4.30 -12.20
C ASP B 242 34.90 -5.19 -11.19
N PRO B 243 33.96 -6.02 -11.64
CA PRO B 243 33.08 -6.72 -10.70
C PRO B 243 33.60 -8.07 -10.25
N ASN B 244 33.37 -8.38 -8.98
CA ASN B 244 33.27 -9.77 -8.56
C ASN B 244 31.91 -10.31 -9.00
N VAL B 245 31.85 -11.60 -9.28
CA VAL B 245 30.63 -12.24 -9.78
C VAL B 245 30.31 -13.44 -8.92
N ILE B 246 29.06 -13.54 -8.48
CA ILE B 246 28.54 -14.65 -7.68
C ILE B 246 27.37 -15.25 -8.43
N LYS B 247 27.33 -16.58 -8.51
CA LYS B 247 26.25 -17.29 -9.16
C LYS B 247 25.81 -18.47 -8.30
N LEU B 248 24.49 -18.66 -8.21
CA LEU B 248 23.92 -19.85 -7.59
C LEU B 248 22.88 -20.37 -8.60
N LYS B 249 23.23 -21.45 -9.29
CA LYS B 249 22.35 -21.98 -10.32
C LYS B 249 21.01 -22.40 -9.71
N ARG B 250 19.94 -22.20 -10.48
CA ARG B 250 18.60 -22.50 -10.01
C ARG B 250 18.46 -23.97 -9.67
N GLU B 251 17.68 -24.25 -8.63
CA GLU B 251 17.43 -25.63 -8.23
C GLU B 251 16.65 -26.34 -9.32
N GLU B 252 17.19 -27.47 -9.78
CA GLU B 252 16.59 -28.18 -10.90
C GLU B 252 15.27 -28.83 -10.48
N GLU B 253 14.42 -29.07 -11.48
CA GLU B 253 13.11 -29.67 -11.30
C GLU B 253 13.22 -31.11 -11.78
N THR B 254 13.11 -32.05 -10.84
CA THR B 254 13.54 -33.43 -11.12
C THR B 254 12.58 -34.13 -12.07
N LEU B 255 11.28 -34.03 -11.80
CA LEU B 255 10.19 -34.61 -12.59
C LEU B 255 10.07 -36.12 -12.39
N ASP B 256 10.94 -36.74 -11.59
CA ASP B 256 10.98 -38.20 -11.49
C ASP B 256 9.98 -38.76 -10.49
N THR B 257 9.44 -37.93 -9.60
CA THR B 257 8.59 -38.36 -8.51
C THR B 257 7.12 -38.03 -8.74
N ILE B 258 6.68 -38.00 -10.01
CA ILE B 258 5.34 -37.53 -10.35
C ILE B 258 4.63 -38.57 -11.20
N LYS B 259 3.41 -38.89 -10.80
CA LYS B 259 2.53 -39.77 -11.55
C LYS B 259 1.79 -38.92 -12.57
N GLN B 260 2.01 -39.20 -13.85
CA GLN B 260 1.41 -38.43 -14.94
C GLN B 260 0.30 -39.23 -15.59
N TYR B 261 -0.84 -38.57 -15.82
CA TYR B 261 -1.98 -39.17 -16.48
C TYR B 261 -2.58 -38.12 -17.41
N TYR B 262 -3.37 -38.58 -18.38
CA TYR B 262 -4.08 -37.67 -19.27
C TYR B 262 -5.48 -38.22 -19.54
N VAL B 263 -6.42 -37.30 -19.73
CA VAL B 263 -7.83 -37.62 -19.91
C VAL B 263 -8.26 -37.11 -21.28
N LEU B 264 -8.71 -38.03 -22.13
CA LEU B 264 -9.37 -37.64 -23.37
C LEU B 264 -10.79 -37.18 -23.06
N CYS B 265 -11.22 -36.11 -23.71
CA CYS B 265 -12.53 -35.53 -23.45
C CYS B 265 -13.25 -35.30 -24.77
N SER B 266 -14.58 -35.40 -24.71
CA SER B 266 -15.44 -35.19 -25.86
C SER B 266 -15.85 -33.73 -26.04
N SER B 267 -16.05 -33.00 -24.94
CA SER B 267 -16.54 -31.63 -25.01
C SER B 267 -16.10 -30.88 -23.76
N ARG B 268 -16.47 -29.60 -23.69
CA ARG B 268 -16.13 -28.78 -22.52
C ARG B 268 -16.71 -29.37 -21.25
N ASP B 269 -18.01 -29.66 -21.26
CA ASP B 269 -18.68 -30.22 -20.09
C ASP B 269 -18.10 -31.58 -19.69
N GLU B 270 -17.45 -32.28 -20.61
CA GLU B 270 -16.83 -33.56 -20.26
C GLU B 270 -15.68 -33.38 -19.27
N LYS B 271 -14.89 -32.31 -19.44
CA LYS B 271 -13.77 -32.06 -18.54
C LYS B 271 -14.24 -31.90 -17.10
N PHE B 272 -15.40 -31.29 -16.91
CA PHE B 272 -15.92 -31.06 -15.57
C PHE B 272 -16.23 -32.37 -14.86
N GLN B 273 -16.84 -33.32 -15.58
CA GLN B 273 -17.21 -34.60 -14.97
C GLN B 273 -15.98 -35.39 -14.54
N ALA B 274 -14.95 -35.45 -15.39
CA ALA B 274 -13.73 -36.16 -15.03
C ALA B 274 -13.10 -35.56 -13.79
N LEU B 275 -13.16 -34.24 -13.66
CA LEU B 275 -12.61 -33.59 -12.47
C LEU B 275 -13.45 -33.89 -11.23
N CYS B 276 -14.76 -34.03 -11.38
CA CYS B 276 -15.61 -34.30 -10.22
C CYS B 276 -15.28 -35.65 -9.59
N ASN B 277 -15.14 -36.69 -10.42
CA ASN B 277 -14.82 -38.01 -9.89
C ASN B 277 -13.48 -37.97 -9.16
N LEU B 278 -12.53 -37.19 -9.67
CA LEU B 278 -11.22 -37.11 -9.04
C LEU B 278 -11.33 -36.47 -7.65
N TYR B 279 -11.99 -35.30 -7.57
CA TYR B 279 -12.12 -34.63 -6.28
C TYR B 279 -12.87 -35.50 -5.28
N GLY B 280 -13.90 -36.21 -5.75
CA GLY B 280 -14.67 -37.04 -4.85
C GLY B 280 -13.86 -38.16 -4.23
N ALA B 281 -13.11 -38.89 -5.05
CA ALA B 281 -12.36 -40.02 -4.53
C ALA B 281 -11.34 -39.57 -3.49
N ILE B 282 -10.47 -38.63 -3.86
CA ILE B 282 -9.47 -38.10 -2.95
C ILE B 282 -9.17 -36.66 -3.36
N THR B 283 -8.95 -35.81 -2.37
CA THR B 283 -8.48 -34.45 -2.63
C THR B 283 -7.92 -33.84 -1.35
N ILE B 284 -7.44 -34.69 -0.44
CA ILE B 284 -7.02 -34.25 0.88
C ILE B 284 -5.97 -33.15 0.76
N ALA B 285 -4.94 -33.39 -0.03
CA ALA B 285 -3.86 -32.42 -0.17
C ALA B 285 -4.30 -31.30 -1.10
N GLN B 286 -3.50 -30.23 -1.13
CA GLN B 286 -3.85 -29.07 -1.94
C GLN B 286 -3.71 -29.41 -3.42
N ALA B 287 -4.55 -28.77 -4.23
CA ALA B 287 -4.54 -28.96 -5.68
C ALA B 287 -4.67 -27.61 -6.36
N MET B 288 -4.03 -27.48 -7.52
CA MET B 288 -4.15 -26.31 -8.36
C MET B 288 -4.68 -26.72 -9.73
N ILE B 289 -5.60 -25.92 -10.26
CA ILE B 289 -6.22 -26.18 -11.55
C ILE B 289 -5.94 -24.99 -12.45
N PHE B 290 -5.28 -25.25 -13.58
CA PHE B 290 -4.84 -24.20 -14.50
C PHE B 290 -5.74 -24.20 -15.72
N CYS B 291 -6.31 -23.03 -16.01
CA CYS B 291 -7.15 -22.84 -17.18
C CYS B 291 -6.56 -21.70 -18.01
N HIS B 292 -6.84 -21.72 -19.31
CA HIS B 292 -6.30 -20.68 -20.17
C HIS B 292 -7.01 -19.36 -19.97
N THR B 293 -8.34 -19.38 -19.96
CA THR B 293 -9.15 -18.17 -19.89
C THR B 293 -9.81 -18.07 -18.52
N ARG B 294 -9.90 -16.84 -18.01
CA ARG B 294 -10.57 -16.60 -16.72
C ARG B 294 -12.04 -16.97 -16.77
N LYS B 295 -12.68 -16.77 -17.92
CA LYS B 295 -14.06 -17.18 -18.09
C LYS B 295 -14.21 -18.67 -17.77
N THR B 296 -13.29 -19.50 -18.29
CA THR B 296 -13.26 -20.92 -17.92
C THR B 296 -13.04 -21.07 -16.43
N ALA B 297 -12.07 -20.33 -15.89
CA ALA B 297 -11.78 -20.43 -14.46
C ALA B 297 -12.95 -19.92 -13.61
N SER B 298 -13.58 -18.83 -14.04
CA SER B 298 -14.75 -18.32 -13.33
C SER B 298 -15.94 -19.24 -13.52
N TRP B 299 -16.18 -19.69 -14.75
CA TRP B 299 -17.13 -20.76 -14.99
C TRP B 299 -16.84 -21.97 -14.10
N LEU B 300 -15.58 -22.38 -14.08
CA LEU B 300 -15.19 -23.60 -13.36
C LEU B 300 -15.29 -23.38 -11.86
N ALA B 301 -14.79 -22.25 -11.36
CA ALA B 301 -14.85 -21.96 -9.94
C ALA B 301 -16.29 -21.88 -9.46
N ALA B 302 -17.18 -21.31 -10.27
CA ALA B 302 -18.57 -21.16 -9.88
C ALA B 302 -19.26 -22.51 -9.77
N GLU B 303 -19.14 -23.35 -10.82
CA GLU B 303 -19.80 -24.64 -10.80
C GLU B 303 -19.27 -25.54 -9.69
N LEU B 304 -17.97 -25.46 -9.42
CA LEU B 304 -17.40 -26.25 -8.32
C LEU B 304 -17.98 -25.80 -6.98
N SER B 305 -18.25 -24.51 -6.83
CA SER B 305 -18.87 -24.01 -5.61
C SER B 305 -20.30 -24.52 -5.49
N LYS B 306 -21.10 -24.37 -6.55
CA LYS B 306 -22.48 -24.85 -6.51
C LYS B 306 -22.55 -26.35 -6.32
N GLU B 307 -21.60 -27.10 -6.88
CA GLU B 307 -21.60 -28.55 -6.74
C GLU B 307 -20.97 -29.02 -5.41
N GLY B 308 -20.87 -28.13 -4.42
CA GLY B 308 -20.76 -28.50 -3.03
C GLY B 308 -19.41 -28.49 -2.35
N HIS B 309 -18.37 -27.91 -2.94
CA HIS B 309 -17.07 -27.82 -2.28
C HIS B 309 -16.38 -26.50 -2.61
N GLN B 310 -15.60 -26.03 -1.64
CA GLN B 310 -15.06 -24.67 -1.64
C GLN B 310 -13.77 -24.62 -2.45
N VAL B 311 -13.65 -23.61 -3.32
CA VAL B 311 -12.46 -23.40 -4.14
C VAL B 311 -12.11 -21.92 -4.16
N ALA B 312 -10.81 -21.64 -4.21
CA ALA B 312 -10.29 -20.29 -4.38
C ALA B 312 -10.08 -19.99 -5.86
N LEU B 313 -10.34 -18.74 -6.24
CA LEU B 313 -10.17 -18.29 -7.62
C LEU B 313 -9.06 -17.25 -7.71
N LEU B 314 -8.28 -17.32 -8.79
CA LEU B 314 -7.23 -16.35 -9.09
C LEU B 314 -7.45 -15.84 -10.51
N SER B 315 -8.05 -14.66 -10.62
CA SER B 315 -8.43 -14.07 -11.91
C SER B 315 -7.90 -12.64 -12.00
N GLY B 316 -7.93 -12.12 -13.23
CA GLY B 316 -7.19 -10.91 -13.56
C GLY B 316 -7.78 -9.62 -13.01
N GLU B 317 -9.08 -9.60 -12.68
CA GLU B 317 -9.64 -8.40 -12.09
C GLU B 317 -9.11 -8.15 -10.68
N MET B 318 -8.50 -9.16 -10.06
CA MET B 318 -7.97 -9.01 -8.71
C MET B 318 -6.66 -8.23 -8.75
N MET B 319 -6.52 -7.27 -7.84
CA MET B 319 -5.26 -6.56 -7.68
C MET B 319 -4.23 -7.49 -7.05
N VAL B 320 -2.96 -7.10 -7.14
CA VAL B 320 -1.86 -7.99 -6.72
C VAL B 320 -2.00 -8.33 -5.24
N GLU B 321 -2.36 -7.36 -4.40
CA GLU B 321 -2.56 -7.62 -2.98
C GLU B 321 -3.68 -8.62 -2.76
N GLN B 322 -4.72 -8.58 -3.59
CA GLN B 322 -5.82 -9.54 -3.47
C GLN B 322 -5.38 -10.93 -3.88
N ARG B 323 -4.58 -11.03 -4.94
CA ARG B 323 -4.04 -12.34 -5.32
C ARG B 323 -3.19 -12.92 -4.20
N ALA B 324 -2.36 -12.08 -3.57
CA ALA B 324 -1.53 -12.55 -2.47
C ALA B 324 -2.38 -13.02 -1.31
N ALA B 325 -3.44 -12.28 -0.99
CA ALA B 325 -4.32 -12.67 0.11
C ALA B 325 -4.99 -14.02 -0.16
N VAL B 326 -5.40 -14.27 -1.41
CA VAL B 326 -5.99 -15.55 -1.75
C VAL B 326 -4.96 -16.67 -1.64
N ILE B 327 -3.72 -16.41 -2.09
CA ILE B 327 -2.68 -17.43 -2.02
C ILE B 327 -2.34 -17.77 -0.58
N GLU B 328 -2.29 -16.76 0.30
CA GLU B 328 -2.00 -17.01 1.70
C GLU B 328 -3.10 -17.82 2.37
N ARG B 329 -4.36 -17.56 1.99
CA ARG B 329 -5.46 -18.38 2.48
C ARG B 329 -5.30 -19.83 2.03
N PHE B 330 -4.95 -20.01 0.76
CA PHE B 330 -4.77 -21.36 0.22
C PHE B 330 -3.67 -22.10 0.95
N ARG B 331 -2.61 -21.39 1.33
CA ARG B 331 -1.52 -22.02 2.07
C ARG B 331 -1.95 -22.36 3.49
N GLU B 332 -2.78 -21.52 4.11
CA GLU B 332 -3.24 -21.76 5.47
C GLU B 332 -4.32 -22.83 5.57
N GLY B 333 -4.60 -23.54 4.47
CA GLY B 333 -5.55 -24.64 4.50
C GLY B 333 -7.01 -24.23 4.43
N LYS B 334 -7.32 -22.94 4.56
CA LYS B 334 -8.71 -22.50 4.49
C LYS B 334 -9.32 -22.85 3.15
N GLU B 335 -8.52 -22.91 2.09
CA GLU B 335 -8.95 -23.34 0.77
C GLU B 335 -8.23 -24.64 0.41
N LYS B 336 -9.01 -25.64 0.01
CA LYS B 336 -8.46 -26.96 -0.31
C LYS B 336 -8.07 -27.09 -1.77
N VAL B 337 -8.61 -26.24 -2.65
CA VAL B 337 -8.29 -26.25 -4.07
C VAL B 337 -8.28 -24.81 -4.57
N LEU B 338 -7.36 -24.53 -5.49
CA LEU B 338 -7.17 -23.19 -6.05
C LEU B 338 -7.29 -23.28 -7.57
N VAL B 339 -8.22 -22.53 -8.13
CA VAL B 339 -8.38 -22.41 -9.57
C VAL B 339 -7.74 -21.11 -10.01
N THR B 340 -6.98 -21.17 -11.11
CA THR B 340 -6.25 -20.00 -11.59
C THR B 340 -6.14 -20.05 -13.10
N THR B 341 -5.99 -18.88 -13.70
CA THR B 341 -5.65 -18.80 -15.11
C THR B 341 -4.14 -18.99 -15.29
N ASN B 342 -3.74 -19.23 -16.55
CA ASN B 342 -2.32 -19.38 -16.84
C ASN B 342 -1.55 -18.09 -16.53
N VAL B 343 -2.15 -16.95 -16.84
CA VAL B 343 -1.45 -15.67 -16.69
C VAL B 343 -1.25 -15.35 -15.21
N CYS B 344 -2.28 -15.54 -14.39
CA CYS B 344 -2.17 -15.19 -12.98
C CYS B 344 -1.17 -16.07 -12.24
N ALA B 345 -0.89 -17.27 -12.74
CA ALA B 345 0.02 -18.20 -12.11
C ALA B 345 1.41 -18.23 -12.76
N ARG B 346 1.55 -17.63 -13.94
CA ARG B 346 2.82 -17.69 -14.66
C ARG B 346 3.92 -17.03 -13.85
N GLY B 347 4.91 -17.83 -13.46
CA GLY B 347 6.06 -17.33 -12.73
C GLY B 347 5.84 -17.08 -11.26
N ILE B 348 4.74 -17.57 -10.69
CA ILE B 348 4.44 -17.40 -9.28
C ILE B 348 4.90 -18.63 -8.52
N ASP B 349 5.72 -18.43 -7.49
CA ASP B 349 6.26 -19.52 -6.68
C ASP B 349 5.25 -19.91 -5.61
N VAL B 350 4.25 -20.69 -6.02
CA VAL B 350 3.28 -21.24 -5.09
C VAL B 350 3.90 -22.46 -4.39
N GLU B 351 3.67 -22.56 -3.09
CA GLU B 351 4.18 -23.66 -2.28
C GLU B 351 3.03 -24.53 -1.79
N GLN B 352 3.41 -25.68 -1.22
CA GLN B 352 2.46 -26.61 -0.61
C GLN B 352 1.39 -27.04 -1.61
N VAL B 353 1.84 -27.49 -2.79
CA VAL B 353 0.97 -28.02 -3.83
C VAL B 353 1.43 -29.42 -4.17
N SER B 354 0.48 -30.37 -4.18
CA SER B 354 0.76 -31.76 -4.49
C SER B 354 -0.03 -32.31 -5.68
N VAL B 355 -0.97 -31.54 -6.23
CA VAL B 355 -1.76 -31.97 -7.38
C VAL B 355 -1.88 -30.79 -8.34
N VAL B 356 -1.66 -31.06 -9.63
CA VAL B 356 -1.82 -30.08 -10.69
C VAL B 356 -2.80 -30.65 -11.71
N ILE B 357 -3.82 -29.86 -12.05
CA ILE B 357 -4.78 -30.21 -13.09
C ILE B 357 -4.60 -29.20 -14.21
N ASN B 358 -4.12 -29.66 -15.36
CA ASN B 358 -4.04 -28.82 -16.55
C ASN B 358 -5.36 -28.93 -17.31
N PHE B 359 -6.38 -28.29 -16.74
CA PHE B 359 -7.69 -28.24 -17.39
C PHE B 359 -7.56 -27.80 -18.85
N ASP B 360 -6.65 -26.87 -19.11
CA ASP B 360 -6.22 -26.52 -20.45
C ASP B 360 -4.71 -26.70 -20.53
N LEU B 361 -4.24 -27.20 -21.66
CA LEU B 361 -2.81 -27.45 -21.80
C LEU B 361 -2.06 -26.11 -21.89
N PRO B 362 -0.90 -25.99 -21.27
CA PRO B 362 -0.16 -24.72 -21.33
C PRO B 362 0.42 -24.51 -22.72
N VAL B 363 0.04 -23.40 -23.35
CA VAL B 363 0.52 -23.03 -24.67
C VAL B 363 1.04 -21.61 -24.61
N ASP B 364 2.17 -21.37 -25.27
CA ASP B 364 2.77 -20.05 -25.33
C ASP B 364 2.08 -19.21 -26.41
N LYS B 365 2.55 -17.98 -26.55
CA LYS B 365 2.03 -17.09 -27.59
C LYS B 365 2.35 -17.62 -28.98
N ASP B 366 3.38 -18.47 -29.11
CA ASP B 366 3.72 -19.09 -30.38
C ASP B 366 2.76 -20.20 -30.78
N GLY B 367 1.79 -20.54 -29.93
CA GLY B 367 0.88 -21.64 -30.19
C GLY B 367 1.46 -23.01 -29.90
N ASN B 368 2.77 -23.12 -29.73
CA ASN B 368 3.42 -24.40 -29.45
C ASN B 368 3.26 -24.76 -27.99
N PRO B 369 3.67 -25.98 -27.61
CA PRO B 369 3.69 -26.32 -26.18
C PRO B 369 4.63 -25.39 -25.40
N ASP B 370 4.19 -25.00 -24.21
CA ASP B 370 5.01 -24.24 -23.27
C ASP B 370 5.58 -25.24 -22.26
N ASN B 371 6.69 -25.87 -22.65
CA ASN B 371 7.31 -26.88 -21.81
C ASN B 371 7.92 -26.29 -20.55
N GLU B 372 8.42 -25.05 -20.63
CA GLU B 372 8.96 -24.39 -19.45
C GLU B 372 7.91 -24.27 -18.36
N THR B 373 6.74 -23.73 -18.72
CA THR B 373 5.65 -23.62 -17.75
C THR B 373 5.22 -25.00 -17.27
N TYR B 374 5.19 -25.99 -18.17
CA TYR B 374 4.74 -27.32 -17.79
C TYR B 374 5.65 -27.93 -16.72
N LEU B 375 6.97 -27.82 -16.90
CA LEU B 375 7.89 -28.39 -15.92
C LEU B 375 7.81 -27.65 -14.59
N HIS B 376 7.62 -26.33 -14.64
CA HIS B 376 7.61 -25.53 -13.41
C HIS B 376 6.42 -25.86 -12.52
N ARG B 377 5.23 -25.98 -13.11
CA ARG B 377 4.03 -26.24 -12.32
C ARG B 377 4.16 -27.52 -11.51
N ILE B 378 4.59 -28.61 -12.15
CA ILE B 378 4.62 -29.90 -11.47
C ILE B 378 5.81 -29.98 -10.52
N GLY B 379 6.98 -29.50 -10.95
CA GLY B 379 8.16 -29.47 -10.09
C GLY B 379 8.54 -30.82 -9.54
N GLY B 385 12.30 -36.26 -3.75
CA GLY B 385 11.09 -36.21 -4.56
C GLY B 385 9.87 -36.62 -3.77
N LYS B 386 8.80 -35.83 -3.88
CA LYS B 386 7.56 -36.07 -3.15
C LYS B 386 6.45 -36.43 -4.13
N ARG B 387 5.56 -37.32 -3.68
CA ARG B 387 4.49 -37.82 -4.54
C ARG B 387 3.69 -36.67 -5.12
N GLY B 388 3.63 -36.61 -6.45
CA GLY B 388 2.84 -35.60 -7.14
C GLY B 388 1.92 -36.25 -8.15
N LEU B 389 0.94 -35.46 -8.58
CA LEU B 389 -0.05 -35.90 -9.55
C LEU B 389 -0.23 -34.81 -10.60
N ALA B 390 -0.27 -35.22 -11.87
CA ALA B 390 -0.44 -34.31 -13.00
C ALA B 390 -1.49 -34.89 -13.93
N VAL B 391 -2.61 -34.20 -14.09
CA VAL B 391 -3.70 -34.62 -14.96
C VAL B 391 -3.87 -33.58 -16.06
N ASN B 392 -3.80 -34.03 -17.32
CA ASN B 392 -4.01 -33.17 -18.47
C ASN B 392 -5.28 -33.60 -19.18
N MET B 393 -6.17 -32.65 -19.42
CA MET B 393 -7.48 -32.92 -20.03
C MET B 393 -7.51 -32.30 -21.42
N VAL B 394 -7.45 -33.15 -22.45
CA VAL B 394 -7.46 -32.70 -23.83
C VAL B 394 -8.80 -32.99 -24.47
N ASP B 395 -9.24 -32.09 -25.36
CA ASP B 395 -10.53 -32.24 -26.02
C ASP B 395 -10.48 -31.70 -27.45
N SER B 396 -9.50 -32.10 -28.24
CA SER B 396 -9.48 -31.72 -29.65
C SER B 396 -8.34 -32.43 -30.37
N LYS B 397 -8.37 -32.37 -31.70
CA LYS B 397 -7.24 -32.83 -32.50
C LYS B 397 -6.04 -31.92 -32.32
N HIS B 398 -6.25 -30.61 -32.38
CA HIS B 398 -5.15 -29.67 -32.17
C HIS B 398 -4.57 -29.81 -30.77
N SER B 399 -5.42 -29.84 -29.74
CA SER B 399 -4.93 -29.96 -28.38
C SER B 399 -4.34 -31.34 -28.12
N MET B 400 -4.95 -32.40 -28.67
CA MET B 400 -4.38 -33.74 -28.47
C MET B 400 -3.09 -33.90 -29.24
N ASN B 401 -3.01 -33.30 -30.43
CA ASN B 401 -1.73 -33.18 -31.10
C ASN B 401 -0.72 -32.49 -30.19
N ILE B 402 -1.16 -31.46 -29.46
CA ILE B 402 -0.27 -30.76 -28.54
C ILE B 402 0.19 -31.70 -27.42
N LEU B 403 -0.76 -32.33 -26.71
CA LEU B 403 -0.40 -33.17 -25.57
C LEU B 403 0.68 -34.18 -25.94
N ASN B 404 0.52 -34.85 -27.08
CA ASN B 404 1.53 -35.81 -27.49
C ASN B 404 2.87 -35.14 -27.73
N ARG B 405 2.87 -33.89 -28.23
CA ARG B 405 4.12 -33.16 -28.37
C ARG B 405 4.76 -32.89 -27.01
N ILE B 406 3.94 -32.64 -25.98
CA ILE B 406 4.47 -32.49 -24.62
C ILE B 406 5.09 -33.81 -24.16
N GLN B 407 4.36 -34.91 -24.31
CA GLN B 407 4.88 -36.22 -23.93
C GLN B 407 6.19 -36.52 -24.65
N GLU B 408 6.30 -36.11 -25.91
CA GLU B 408 7.55 -36.31 -26.65
C GLU B 408 8.69 -35.52 -26.03
N HIS B 409 8.39 -34.31 -25.53
CA HIS B 409 9.45 -33.45 -25.00
C HIS B 409 10.14 -34.07 -23.79
N PHE B 410 9.36 -34.48 -22.79
CA PHE B 410 9.92 -35.01 -21.55
C PHE B 410 10.17 -36.51 -21.59
N ASN B 411 9.57 -37.23 -22.54
CA ASN B 411 9.82 -38.65 -22.75
C ASN B 411 9.44 -39.52 -21.56
N LYS B 412 8.65 -39.00 -20.61
CA LYS B 412 8.10 -39.80 -19.53
C LYS B 412 6.62 -40.05 -19.79
N LYS B 413 6.18 -41.29 -19.54
CA LYS B 413 4.87 -41.71 -20.01
C LYS B 413 3.76 -41.03 -19.24
N ILE B 414 2.74 -40.61 -19.97
CA ILE B 414 1.50 -40.07 -19.42
C ILE B 414 0.41 -41.10 -19.73
N GLU B 415 -0.03 -41.82 -18.70
CA GLU B 415 -0.94 -42.94 -18.91
C GLU B 415 -2.30 -42.46 -19.41
N ARG B 416 -2.86 -43.20 -20.37
CA ARG B 416 -4.20 -42.91 -20.86
C ARG B 416 -5.19 -43.31 -19.78
N LEU B 417 -5.95 -42.36 -19.26
CA LEU B 417 -6.88 -42.66 -18.20
C LEU B 417 -8.15 -41.84 -18.30
N ASP B 418 -9.29 -42.52 -18.16
CA ASP B 418 -10.58 -41.88 -18.04
C ASP B 418 -11.17 -42.22 -16.68
N THR B 419 -11.82 -41.23 -16.05
CA THR B 419 -12.50 -41.48 -14.80
C THR B 419 -13.53 -42.60 -14.92
N ASP B 420 -14.00 -42.89 -16.13
CA ASP B 420 -14.98 -43.95 -16.32
C ASP B 420 -14.56 -45.20 -15.55
N ASP B 421 -13.30 -45.58 -15.69
CA ASP B 421 -12.79 -46.75 -14.99
C ASP B 421 -12.47 -46.28 -13.57
N LEU B 422 -13.41 -46.50 -12.64
CA LEU B 422 -13.10 -46.21 -11.24
C LEU B 422 -12.01 -47.13 -10.70
N ASP B 423 -11.79 -48.27 -11.36
CA ASP B 423 -10.70 -49.16 -10.96
C ASP B 423 -9.38 -48.40 -10.95
N GLU B 424 -9.14 -47.63 -12.01
CA GLU B 424 -7.91 -46.86 -12.15
C GLU B 424 -7.85 -45.66 -11.22
N ILE B 425 -8.98 -45.03 -10.90
CA ILE B 425 -8.95 -43.91 -9.97
C ILE B 425 -8.38 -44.35 -8.64
N GLU B 426 -8.60 -45.62 -8.27
CA GLU B 426 -7.94 -46.15 -7.09
C GLU B 426 -6.44 -46.33 -7.35
N LYS B 427 -6.06 -46.67 -8.58
CA LYS B 427 -4.65 -46.71 -8.95
C LYS B 427 -4.03 -45.32 -8.93
N ILE B 428 -4.74 -44.31 -9.44
CA ILE B 428 -4.22 -42.94 -9.39
C ILE B 428 -4.02 -42.53 -7.94
N ALA B 429 -5.09 -42.62 -7.16
CA ALA B 429 -5.08 -42.24 -5.76
C ALA B 429 -4.02 -43.00 -4.96
#